data_7X72
#
_entry.id   7X72
#
_cell.length_a   1.00
_cell.length_b   1.00
_cell.length_c   1.00
_cell.angle_alpha   90.00
_cell.angle_beta   90.00
_cell.angle_gamma   90.00
#
_symmetry.space_group_name_H-M   'P 1'
#
loop_
_entity.id
_entity.type
_entity.pdbx_description
1 polymer 'Envelopment polyprotein'
2 polymer 'Envelopment polyprotein'
3 branched alpha-D-mannopyranose-(1-4)-2-acetamido-2-deoxy-beta-D-glucopyranose-(1-4)-2-acetamido-2-deoxy-beta-D-glucopyranose
#
loop_
_entity_poly.entity_id
_entity_poly.type
_entity_poly.pdbx_seq_one_letter_code
_entity_poly.pdbx_strand_id
1 'polypeptide(L)'
;MMKVIWFSSLVCLVIQCSGDSGPIICAGPIHSNKSAGIPHLLGYSEKICQIDRLIHVSSWLRNHSQFQGYVGQRGGRSQV
SYYPAENSYSRWSGLLSPCDADWLGMLVVKKAKGSDMIVPGPSYKGKVLFERPTFDGYVGWGCGSGKSRTESGELCSSDS
GTSSGLLPSDRVLWIGDVACQPMTPIPEETFLELKSFSQSEFPDICKIDGIVFNQCEGESLPQPFDVAWMDVGHSHKIIM
REHKTKWVQESSSKDFVCYKEGTGPCSESEEKACKTSGSCRGDMQFCKVAGCEHGEEASEAKCRCSLVHKPGEVVVSYGG
MRVRPKCYGFSRMMATMEVNPPEQRIGQCTGCHLECINGGVRLITLTSELKSATVCASHFCSSATSGKKSTEIHFHSGSL
VGKAAIHVKGALVDGTEFTFEGSCMFPDGCNAVDCTFCREFLKNPQCYPAKKWLFIIIVILLGYAGLMLLTNVLKAIGVW
GSWVIAPVKLMFAIMKKLMRTVSCLVGKLMDRGRQVIHEEIGENGEGNQDDVRIEMARPRRVRHWMYSPVILTILAIGLA
EG
;
A
2 'polypeptide(L)'
;CDEMVHADSKLVSCRQGSGNMKECVTTGRALLPAVNPGQEACLHFTAPGSPDSKCLKIKVKRINLKCKKSSSYFVPDARS
RCTSVRRCRWAGDCQSGCPPHFTSNSFSDDWAGKMDRAGLGFSGCSDGCGGAACGCFNAAPSCIFWRKWVENPHGIIWKV
SPCAAWVPSAVIELTMPSGEVRTFHPMSGIPTQVFKGVSVTYLGSDMEVSGLTDLCEIEELKSKKLALAPCNQAGMGVVG
KVGEIQCSSEESARTIKKDGCIWNADLVGIELRVDDAVCYSKITSVEAVANYSAIPTTIGGLRFERSHDSQGKISGSPLD
ITAIRGSFSVNYRGLRLSLSEITATCTGEVTNVSGCYSCMTGAKVSIKLHSSKNSTAHVRCKGDETAFSVLEGVHSYTVS
LSFDHAVVDEQCQLNCGGHESQVTLKGNLIFLDVPKFVDGSYMQTYHSTVPTGANIPSPTDWLNALFGNGLSRWILGVIG
VLLGGLALFFLIMFLFKLGTKQVFRSRTKLA
;
B
#
loop_
_chem_comp.id
_chem_comp.type
_chem_comp.name
_chem_comp.formula
MAN D-saccharide, alpha linking alpha-D-mannopyranose 'C6 H12 O6'
NAG D-saccharide, beta linking 2-acetamido-2-deoxy-beta-D-glucopyranose 'C8 H15 N O6'
#
# COMPACT_ATOMS: atom_id res chain seq x y z
N GLY A 22 44.39 -29.66 -5.91
CA GLY A 22 44.24 -30.95 -6.56
C GLY A 22 44.19 -32.11 -5.58
N PRO A 23 45.23 -32.95 -5.60
CA PRO A 23 45.25 -34.11 -4.70
C PRO A 23 45.78 -33.77 -3.31
N ILE A 24 45.03 -34.22 -2.30
CA ILE A 24 45.43 -33.99 -0.92
C ILE A 24 46.74 -34.71 -0.61
N ILE A 25 46.81 -35.99 -0.97
CA ILE A 25 48.00 -36.79 -0.74
C ILE A 25 48.49 -37.34 -2.07
N CYS A 26 47.59 -38.00 -2.80
CA CYS A 26 47.97 -38.70 -4.00
C CYS A 26 46.84 -38.62 -5.02
N ALA A 27 47.13 -39.08 -6.23
CA ALA A 27 46.10 -39.25 -7.24
C ALA A 27 45.54 -40.65 -7.12
N GLY A 28 44.22 -40.77 -7.11
CA GLY A 28 43.57 -42.04 -6.90
C GLY A 28 43.95 -43.08 -7.94
N PRO A 29 44.17 -44.31 -7.49
CA PRO A 29 44.58 -45.37 -8.41
C PRO A 29 43.48 -45.73 -9.39
N ILE A 30 43.90 -46.17 -10.58
CA ILE A 30 42.98 -46.65 -11.62
C ILE A 30 43.20 -48.16 -11.72
N HIS A 31 42.15 -48.92 -11.45
CA HIS A 31 42.21 -50.38 -11.52
C HIS A 31 41.25 -50.84 -12.61
N SER A 32 41.78 -51.58 -13.59
CA SER A 32 40.95 -52.01 -14.72
C SER A 32 39.84 -52.93 -14.26
N LYS A 34 36.93 -53.85 -12.39
CA LYS A 34 35.93 -53.12 -11.60
C LYS A 34 35.54 -53.90 -10.36
N SER A 35 35.50 -55.22 -10.45
CA SER A 35 35.03 -56.05 -9.34
C SER A 35 36.09 -56.11 -8.24
N ALA A 36 36.07 -55.12 -7.34
CA ALA A 36 36.99 -55.09 -6.22
C ALA A 36 36.35 -54.34 -5.06
N GLY A 37 36.27 -55.00 -3.92
CA GLY A 37 35.71 -54.40 -2.73
C GLY A 37 36.80 -53.77 -1.89
N ILE A 38 36.87 -52.45 -1.92
CA ILE A 38 37.94 -51.73 -1.25
C ILE A 38 37.73 -51.82 0.26
N PRO A 39 38.68 -52.37 1.01
CA PRO A 39 38.43 -52.64 2.43
C PRO A 39 38.76 -51.46 3.34
N HIS A 40 38.50 -51.65 4.62
CA HIS A 40 38.78 -50.65 5.65
C HIS A 40 40.27 -50.56 5.91
N LEU A 41 40.71 -49.35 6.28
CA LEU A 41 42.07 -49.14 6.72
C LEU A 41 42.04 -48.45 8.08
N LEU A 42 42.74 -49.05 9.05
CA LEU A 42 42.84 -48.45 10.38
C LEU A 42 43.67 -47.18 10.36
N GLY A 43 44.61 -47.05 9.42
CA GLY A 43 45.45 -45.87 9.39
C GLY A 43 44.66 -44.62 9.08
N TYR A 44 45.08 -43.52 9.71
CA TYR A 44 44.39 -42.26 9.56
C TYR A 44 44.81 -41.50 8.31
N SER A 45 46.10 -41.49 7.99
CA SER A 45 46.61 -40.76 6.85
C SER A 45 46.51 -41.56 5.54
N GLU A 46 46.08 -42.82 5.61
CA GLU A 46 45.93 -43.64 4.43
C GLU A 46 44.56 -43.49 3.77
N LYS A 47 43.52 -43.26 4.56
CA LYS A 47 42.17 -43.14 4.03
C LYS A 47 41.87 -41.77 3.44
N ILE A 48 42.69 -40.76 3.73
CA ILE A 48 42.43 -39.42 3.22
C ILE A 48 42.54 -39.38 1.70
N CYS A 49 43.59 -39.98 1.15
CA CYS A 49 43.72 -40.00 -0.29
C CYS A 49 42.70 -40.95 -0.92
N GLN A 50 42.19 -41.91 -0.14
CA GLN A 50 41.06 -42.70 -0.60
C GLN A 50 39.79 -41.86 -0.66
N ILE A 51 39.62 -40.97 0.32
CA ILE A 51 38.54 -39.98 0.23
C ILE A 51 38.73 -39.10 -0.99
N ASP A 52 39.98 -38.76 -1.30
CA ASP A 52 40.29 -38.06 -2.54
C ASP A 52 39.83 -38.88 -3.75
N ARG A 53 39.85 -40.21 -3.64
CA ARG A 53 39.47 -41.09 -4.73
C ARG A 53 37.95 -41.28 -4.83
N LEU A 54 37.18 -40.71 -3.90
CA LEU A 54 35.74 -40.95 -3.84
C LEU A 54 35.46 -42.44 -3.66
N ILE A 55 36.30 -43.12 -2.89
CA ILE A 55 36.14 -44.55 -2.67
C ILE A 55 34.91 -44.82 -1.80
N HIS A 56 34.68 -43.96 -0.81
CA HIS A 56 33.58 -44.18 0.12
C HIS A 56 32.23 -44.16 -0.58
N VAL A 57 32.01 -43.23 -1.51
CA VAL A 57 30.70 -43.14 -2.16
C VAL A 57 30.41 -44.38 -2.98
N SER A 58 31.46 -45.02 -3.51
CA SER A 58 31.27 -46.30 -4.19
C SER A 58 30.80 -47.37 -3.21
N SER A 59 31.30 -47.32 -1.97
CA SER A 59 30.84 -48.26 -0.95
C SER A 59 29.38 -48.01 -0.59
N TRP A 60 28.92 -46.76 -0.68
CA TRP A 60 27.51 -46.49 -0.43
C TRP A 60 26.63 -47.19 -1.45
N LEU A 61 27.07 -47.23 -2.71
CA LEU A 61 26.33 -47.96 -3.74
C LEU A 61 26.25 -49.43 -3.41
N ARG A 62 27.35 -50.03 -2.98
CA ARG A 62 27.37 -51.45 -2.66
C ARG A 62 26.50 -51.79 -1.46
N ASN A 63 26.19 -50.81 -0.63
CA ASN A 63 25.43 -51.05 0.60
C ASN A 63 23.95 -50.79 0.43
N HIS A 64 23.59 -49.83 -0.40
CA HIS A 64 22.20 -49.40 -0.56
C HIS A 64 21.68 -49.54 -1.98
N SER A 65 22.52 -49.21 -2.98
CA SER A 65 22.14 -49.41 -4.37
C SER A 65 22.52 -50.81 -4.86
N GLN A 66 23.50 -51.45 -4.22
CA GLN A 66 23.93 -52.81 -4.56
C GLN A 66 24.50 -52.88 -5.97
N PHE A 67 25.52 -52.07 -6.24
CA PHE A 67 26.23 -52.11 -7.51
C PHE A 67 27.72 -51.87 -7.27
N GLN A 68 28.55 -52.65 -7.96
CA GLN A 68 30.00 -52.59 -7.81
C GLN A 68 30.64 -51.63 -8.82
N GLY A 69 30.12 -50.41 -8.87
CA GLY A 69 30.65 -49.43 -9.79
C GLY A 69 31.73 -48.57 -9.18
N TYR A 70 32.98 -48.76 -9.63
CA TYR A 70 34.06 -47.90 -9.20
C TYR A 70 33.82 -46.49 -9.69
N VAL A 71 34.01 -45.51 -8.79
CA VAL A 71 33.62 -44.13 -9.05
C VAL A 71 34.87 -43.26 -9.08
N GLY A 72 34.99 -42.46 -10.13
CA GLY A 72 36.02 -41.43 -10.21
C GLY A 72 37.40 -41.91 -10.59
N GLN A 73 37.53 -42.54 -11.74
CA GLN A 73 38.86 -42.86 -12.26
C GLN A 73 39.49 -41.60 -12.84
N ARG A 74 40.67 -41.24 -12.32
CA ARG A 74 41.38 -40.00 -12.62
C ARG A 74 40.65 -38.78 -12.06
N GLY A 75 39.47 -38.98 -11.47
CA GLY A 75 38.69 -37.88 -10.95
C GLY A 75 39.36 -37.13 -9.81
N GLY A 76 39.50 -37.79 -8.66
CA GLY A 76 40.07 -37.10 -7.52
C GLY A 76 39.18 -35.97 -7.04
N ARG A 77 39.80 -34.96 -6.45
CA ARG A 77 39.11 -33.74 -6.04
C ARG A 77 39.50 -32.54 -6.88
N SER A 78 40.17 -32.76 -8.02
CA SER A 78 40.61 -31.67 -8.87
C SER A 78 39.65 -31.38 -10.02
N GLN A 79 38.71 -32.29 -10.31
CA GLN A 79 37.76 -32.08 -11.40
C GLN A 79 36.31 -32.08 -10.96
N VAL A 80 36.00 -32.47 -9.73
CA VAL A 80 34.61 -32.52 -9.28
C VAL A 80 34.03 -31.12 -9.25
N SER A 81 32.87 -30.96 -9.89
CA SER A 81 32.19 -29.68 -9.97
C SER A 81 30.85 -29.76 -9.24
N TYR A 82 30.42 -28.63 -8.70
CA TYR A 82 29.15 -28.54 -8.00
C TYR A 82 28.24 -27.60 -8.76
N TYR A 83 26.95 -27.65 -8.41
CA TYR A 83 25.97 -26.81 -9.10
C TYR A 83 26.30 -25.33 -9.07
N PRO A 84 26.76 -24.74 -7.96
CA PRO A 84 27.13 -23.31 -8.01
C PRO A 84 28.20 -23.04 -9.06
N ALA A 85 28.06 -21.89 -9.73
CA ALA A 85 29.00 -21.53 -10.78
C ALA A 85 30.41 -21.39 -10.23
N GLU A 86 30.56 -20.71 -9.09
CA GLU A 86 31.85 -20.55 -8.43
C GLU A 86 31.74 -21.01 -6.99
N ASN A 87 32.59 -21.96 -6.60
CA ASN A 87 32.65 -22.45 -5.24
C ASN A 87 34.07 -22.24 -4.72
N SER A 88 34.22 -21.33 -3.76
CA SER A 88 35.53 -21.13 -3.14
C SER A 88 35.93 -22.34 -2.30
N TYR A 89 34.95 -23.02 -1.70
CA TYR A 89 35.24 -24.17 -0.86
C TYR A 89 35.73 -25.36 -1.68
N SER A 90 35.29 -25.47 -2.93
CA SER A 90 35.78 -26.54 -3.80
C SER A 90 37.26 -26.37 -4.10
N ARG A 91 37.72 -25.13 -4.25
CA ARG A 91 39.14 -24.87 -4.46
C ARG A 91 39.97 -25.36 -3.29
N TRP A 92 39.53 -25.05 -2.06
CA TRP A 92 40.22 -25.53 -0.86
C TRP A 92 39.75 -26.95 -0.59
N SER A 93 40.44 -27.91 -1.21
CA SER A 93 40.10 -29.32 -1.02
C SER A 93 40.40 -29.80 0.39
N GLY A 94 41.15 -29.03 1.17
CA GLY A 94 41.37 -29.38 2.56
C GLY A 94 40.08 -29.42 3.36
N LEU A 95 39.12 -28.57 3.00
CA LEU A 95 37.83 -28.60 3.63
C LEU A 95 37.12 -29.91 3.33
N LEU A 96 36.32 -30.36 4.28
CA LEU A 96 35.73 -31.69 4.25
C LEU A 96 34.25 -31.58 3.94
N SER A 97 33.77 -32.43 3.02
CA SER A 97 32.42 -32.44 2.45
C SER A 97 31.50 -33.35 3.26
N PRO A 98 30.20 -33.03 3.31
CA PRO A 98 29.28 -33.86 4.09
C PRO A 98 29.25 -35.32 3.68
N CYS A 99 29.34 -35.61 2.37
CA CYS A 99 29.40 -37.00 1.93
C CYS A 99 30.73 -37.65 2.29
N ASP A 100 31.79 -36.86 2.47
CA ASP A 100 33.09 -37.37 2.86
C ASP A 100 33.26 -37.48 4.37
N ALA A 101 32.31 -36.96 5.15
CA ALA A 101 32.33 -37.11 6.60
C ALA A 101 31.73 -38.43 7.06
N ASP A 102 31.23 -39.23 6.13
CA ASP A 102 30.61 -40.51 6.46
C ASP A 102 31.65 -41.60 6.63
N TRP A 103 32.68 -41.63 5.77
CA TRP A 103 33.76 -42.59 5.93
C TRP A 103 34.54 -42.31 7.21
N LEU A 104 34.77 -41.03 7.53
CA LEU A 104 35.49 -40.64 8.73
C LEU A 104 34.66 -40.80 10.00
N GLY A 105 33.34 -40.89 9.88
CA GLY A 105 32.49 -41.26 10.99
C GLY A 105 31.81 -40.13 11.75
N MET A 106 32.00 -38.87 11.34
CA MET A 106 31.35 -37.79 12.07
C MET A 106 29.85 -37.78 11.83
N LEU A 107 29.44 -37.67 10.57
CA LEU A 107 28.04 -37.69 10.18
C LEU A 107 27.80 -38.86 9.24
N VAL A 108 26.54 -39.10 8.92
CA VAL A 108 26.15 -40.21 8.06
C VAL A 108 25.06 -39.72 7.10
N VAL A 109 25.15 -40.15 5.84
CA VAL A 109 24.10 -39.91 4.86
C VAL A 109 23.14 -41.10 4.86
N LYS A 110 21.87 -40.81 4.62
CA LYS A 110 20.82 -41.82 4.66
C LYS A 110 20.11 -41.90 3.32
N LYS A 111 19.16 -42.83 3.23
CA LYS A 111 18.39 -42.99 2.01
C LYS A 111 17.36 -41.87 1.87
N ALA A 112 16.60 -41.92 0.78
CA ALA A 112 15.60 -40.91 0.47
C ALA A 112 14.20 -41.50 0.61
N LYS A 113 13.32 -40.76 1.25
CA LYS A 113 11.94 -41.18 1.47
C LYS A 113 11.04 -40.65 0.36
N GLY A 114 9.88 -41.30 0.21
CA GLY A 114 8.92 -40.87 -0.80
C GLY A 114 8.45 -39.45 -0.57
N SER A 115 8.29 -39.05 0.69
CA SER A 115 7.95 -37.67 0.99
C SER A 115 9.06 -36.70 0.61
N ASP A 116 10.30 -37.17 0.47
CA ASP A 116 11.41 -36.32 0.07
C ASP A 116 11.43 -36.17 -1.44
N MET A 117 11.67 -34.93 -1.89
CA MET A 117 11.57 -34.57 -3.30
C MET A 117 12.85 -33.90 -3.76
N ILE A 118 12.99 -33.82 -5.09
CA ILE A 118 14.20 -33.31 -5.74
C ILE A 118 14.20 -31.79 -5.77
N VAL A 119 15.39 -31.21 -5.88
CA VAL A 119 15.57 -29.78 -6.14
C VAL A 119 15.73 -29.61 -7.64
N PRO A 120 14.91 -28.81 -8.29
CA PRO A 120 15.00 -28.67 -9.76
C PRO A 120 16.13 -27.75 -10.18
N GLY A 121 17.05 -27.46 -9.28
CA GLY A 121 18.18 -26.60 -9.56
C GLY A 121 19.09 -27.14 -10.64
N PRO A 122 19.80 -28.22 -10.35
CA PRO A 122 20.80 -28.73 -11.29
C PRO A 122 20.17 -29.65 -12.32
N SER A 123 20.99 -30.01 -13.32
CA SER A 123 20.58 -30.89 -14.42
C SER A 123 21.11 -32.28 -14.13
N TYR A 124 20.20 -33.24 -13.94
CA TYR A 124 20.57 -34.60 -13.58
C TYR A 124 20.79 -35.42 -14.85
N LYS A 125 21.98 -35.26 -15.43
CA LYS A 125 22.38 -35.98 -16.63
C LYS A 125 23.50 -36.94 -16.29
N GLY A 126 23.26 -38.23 -16.51
CA GLY A 126 24.25 -39.26 -16.24
C GLY A 126 24.65 -39.35 -14.77
N LYS A 127 23.66 -39.35 -13.88
CA LYS A 127 23.90 -39.35 -12.44
C LYS A 127 23.55 -40.70 -11.82
N VAL A 128 24.19 -41.01 -10.71
CA VAL A 128 23.74 -42.10 -9.85
C VAL A 128 23.63 -41.71 -8.40
N LEU A 129 24.35 -40.69 -7.93
CA LEU A 129 24.38 -40.36 -6.51
C LEU A 129 24.59 -38.86 -6.37
N PHE A 130 23.61 -38.18 -5.79
CA PHE A 130 23.69 -36.76 -5.51
C PHE A 130 23.15 -36.47 -4.12
N GLU A 131 23.83 -35.56 -3.43
CA GLU A 131 23.54 -35.23 -2.04
C GLU A 131 22.48 -34.14 -1.95
N ARG A 132 21.84 -34.07 -0.79
CA ARG A 132 20.92 -32.98 -0.48
C ARG A 132 20.85 -32.83 1.03
N PRO A 133 21.63 -31.90 1.60
CA PRO A 133 21.46 -31.58 3.01
C PRO A 133 20.07 -31.04 3.28
N THR A 134 19.49 -31.45 4.42
CA THR A 134 18.13 -31.12 4.77
C THR A 134 18.10 -30.52 6.17
N PHE A 135 16.88 -30.25 6.64
CA PHE A 135 16.70 -29.78 8.02
C PHE A 135 17.13 -30.86 9.01
N ASP A 136 16.81 -32.12 8.73
CA ASP A 136 17.09 -33.22 9.65
C ASP A 136 18.49 -33.78 9.44
N GLY A 137 18.80 -34.21 8.21
CA GLY A 137 20.09 -34.79 7.92
C GLY A 137 20.53 -34.61 6.48
N TYR A 138 21.35 -35.55 6.00
CA TYR A 138 21.91 -35.51 4.66
C TYR A 138 21.32 -36.65 3.85
N VAL A 139 20.83 -36.36 2.65
CA VAL A 139 20.10 -37.31 1.84
C VAL A 139 20.88 -37.60 0.58
N GLY A 140 21.11 -38.88 0.31
CA GLY A 140 21.72 -39.33 -0.93
C GLY A 140 20.74 -40.19 -1.69
N TRP A 141 20.72 -40.01 -3.02
CA TRP A 141 19.78 -40.70 -3.88
C TRP A 141 20.54 -41.61 -4.83
N GLY A 142 19.92 -42.72 -5.23
CA GLY A 142 20.59 -43.70 -6.04
C GLY A 142 19.72 -44.17 -7.21
N CYS A 143 20.40 -44.45 -8.31
CA CYS A 143 19.84 -45.15 -9.45
C CYS A 143 20.64 -46.43 -9.66
N GLY A 144 20.22 -47.22 -10.64
CA GLY A 144 20.91 -48.46 -10.93
C GLY A 144 22.09 -48.28 -11.87
N SER A 145 23.05 -49.20 -11.76
CA SER A 145 24.15 -49.21 -12.71
C SER A 145 23.61 -49.56 -14.09
N GLY A 146 23.74 -48.62 -15.04
CA GLY A 146 23.04 -48.70 -16.29
C GLY A 146 21.70 -48.02 -16.32
N LYS A 147 21.07 -47.78 -15.16
CA LYS A 147 19.86 -46.96 -15.08
C LYS A 147 20.30 -45.50 -15.13
N SER A 148 20.55 -45.03 -16.34
CA SER A 148 21.10 -43.70 -16.53
C SER A 148 20.11 -42.63 -16.07
N ARG A 149 20.65 -41.62 -15.38
CA ARG A 149 19.87 -40.47 -14.94
C ARG A 149 20.09 -39.36 -15.96
N THR A 150 19.15 -39.23 -16.91
CA THR A 150 19.27 -38.25 -17.98
C THR A 150 18.27 -37.10 -17.84
N GLU A 151 17.59 -37.00 -16.71
CA GLU A 151 16.60 -35.95 -16.50
C GLU A 151 16.47 -35.69 -15.00
N SER A 152 15.88 -34.56 -14.65
CA SER A 152 15.78 -34.15 -13.26
C SER A 152 14.80 -34.99 -12.45
N GLY A 153 14.00 -35.83 -13.09
CA GLY A 153 13.00 -36.61 -12.38
C GLY A 153 13.60 -37.74 -11.57
N GLU A 154 12.74 -38.38 -10.76
CA GLU A 154 13.16 -39.51 -9.95
C GLU A 154 13.38 -40.77 -10.76
N LEU A 155 12.63 -40.95 -11.85
CA LEU A 155 12.72 -42.18 -12.64
C LEU A 155 14.11 -42.30 -13.26
N CYS A 156 14.71 -43.48 -13.11
CA CYS A 156 15.98 -43.79 -13.74
C CYS A 156 15.71 -44.59 -15.01
N SER A 157 16.46 -44.27 -16.07
CA SER A 157 16.21 -44.82 -17.39
C SER A 157 17.37 -45.74 -17.79
N SER A 158 17.03 -46.93 -18.28
CA SER A 158 18.04 -47.86 -18.74
C SER A 158 18.73 -47.33 -19.99
N ASP A 159 20.05 -47.53 -20.07
CA ASP A 159 20.83 -47.14 -21.23
C ASP A 159 22.16 -47.86 -21.19
N SER A 160 22.67 -48.22 -22.37
CA SER A 160 23.92 -48.96 -22.47
C SER A 160 25.14 -48.06 -22.59
N GLY A 161 24.96 -46.74 -22.65
CA GLY A 161 26.09 -45.83 -22.78
C GLY A 161 26.93 -45.67 -21.53
N THR A 162 26.39 -46.00 -20.36
CA THR A 162 27.10 -45.86 -19.10
C THR A 162 27.64 -47.19 -18.59
N SER A 163 27.75 -48.18 -19.46
CA SER A 163 28.35 -49.45 -19.07
C SER A 163 29.79 -49.26 -18.61
N SER A 164 30.56 -48.44 -19.33
CA SER A 164 31.90 -48.09 -18.89
C SER A 164 31.83 -47.27 -17.61
N GLY A 165 32.67 -47.61 -16.65
CA GLY A 165 32.71 -46.93 -15.38
C GLY A 165 33.50 -45.65 -15.33
N LEU A 166 34.18 -45.29 -16.42
CA LEU A 166 34.96 -44.07 -16.45
C LEU A 166 34.04 -42.87 -16.57
N LEU A 167 34.15 -41.93 -15.64
CA LEU A 167 33.30 -40.75 -15.62
C LEU A 167 33.96 -39.63 -14.82
N PRO A 168 34.09 -38.43 -15.39
CA PRO A 168 34.63 -37.29 -14.63
C PRO A 168 33.57 -36.68 -13.70
N SER A 169 33.25 -37.43 -12.65
CA SER A 169 32.23 -37.06 -11.67
C SER A 169 30.86 -36.82 -12.30
N ASP A 170 30.61 -37.46 -13.45
CA ASP A 170 29.30 -37.31 -14.09
C ASP A 170 28.19 -37.91 -13.23
N ARG A 171 28.43 -39.09 -12.66
CA ARG A 171 27.45 -39.70 -11.77
C ARG A 171 27.47 -39.14 -10.36
N VAL A 172 28.41 -38.26 -10.05
CA VAL A 172 28.52 -37.69 -8.72
C VAL A 172 28.44 -36.16 -8.79
N LEU A 173 27.25 -35.62 -8.54
CA LEU A 173 27.03 -34.18 -8.47
C LEU A 173 26.54 -33.84 -7.07
N TRP A 174 27.15 -32.85 -6.45
CA TRP A 174 26.86 -32.48 -5.07
C TRP A 174 26.30 -31.06 -5.02
N ILE A 175 25.13 -30.92 -4.42
CA ILE A 175 24.53 -29.62 -4.17
C ILE A 175 25.14 -29.05 -2.90
N GLY A 176 25.12 -27.73 -2.79
CA GLY A 176 25.55 -27.06 -1.58
C GLY A 176 27.05 -26.85 -1.50
N ASP A 177 27.43 -25.93 -0.61
CA ASP A 177 28.83 -25.61 -0.32
C ASP A 177 28.98 -25.72 1.19
N VAL A 178 29.36 -26.89 1.67
CA VAL A 178 29.39 -27.20 3.10
C VAL A 178 30.83 -27.46 3.52
N ALA A 179 31.24 -26.82 4.62
CA ALA A 179 32.54 -27.03 5.22
C ALA A 179 32.37 -27.74 6.56
N CYS A 180 33.02 -28.88 6.72
CA CYS A 180 32.84 -29.73 7.88
C CYS A 180 34.09 -29.72 8.74
N GLN A 181 33.90 -29.96 10.03
CA GLN A 181 34.97 -29.89 11.01
C GLN A 181 34.46 -30.49 12.33
N PRO A 182 35.36 -31.02 13.15
CA PRO A 182 34.96 -31.54 14.46
C PRO A 182 34.44 -30.44 15.36
N MET A 183 33.77 -30.83 16.44
CA MET A 183 33.15 -29.89 17.34
C MET A 183 33.51 -30.18 18.79
N THR A 184 33.05 -29.28 19.66
CA THR A 184 32.80 -29.48 21.07
C THR A 184 31.34 -29.13 21.34
N PRO A 185 30.53 -30.07 21.84
CA PRO A 185 29.07 -29.82 21.88
C PRO A 185 28.68 -28.68 22.80
N ILE A 186 27.44 -28.22 22.66
CA ILE A 186 26.96 -27.07 23.42
C ILE A 186 25.88 -27.54 24.38
N PRO A 187 25.64 -26.79 25.46
CA PRO A 187 24.53 -27.12 26.35
C PRO A 187 23.21 -27.10 25.60
N GLU A 188 22.29 -27.97 26.05
CA GLU A 188 20.97 -28.04 25.44
C GLU A 188 20.27 -26.69 25.48
N GLU A 189 20.50 -25.92 26.56
CA GLU A 189 19.94 -24.59 26.65
C GLU A 189 20.49 -23.67 25.57
N THR A 190 21.78 -23.77 25.25
CA THR A 190 22.36 -22.94 24.20
C THR A 190 21.73 -23.25 22.84
N PHE A 191 21.46 -24.53 22.58
CA PHE A 191 20.76 -24.91 21.36
C PHE A 191 19.36 -24.30 21.32
N LEU A 192 18.68 -24.26 22.47
CA LEU A 192 17.32 -23.76 22.52
C LEU A 192 17.26 -22.27 22.17
N GLU A 193 18.31 -21.50 22.49
CA GLU A 193 18.31 -20.09 22.19
C GLU A 193 18.25 -19.83 20.69
N LEU A 194 18.99 -20.63 19.91
CA LEU A 194 19.05 -20.41 18.47
C LEU A 194 17.71 -20.67 17.81
N LYS A 195 17.04 -21.77 18.19
CA LYS A 195 15.79 -22.15 17.52
C LYS A 195 14.70 -21.11 17.75
N SER A 196 14.57 -20.64 19.00
CA SER A 196 13.59 -19.59 19.28
C SER A 196 13.94 -18.30 18.57
N PHE A 197 15.22 -17.93 18.57
CA PHE A 197 15.63 -16.69 17.92
C PHE A 197 15.51 -16.81 16.40
N SER A 198 15.76 -18.00 15.85
CA SER A 198 15.59 -18.20 14.42
C SER A 198 14.14 -18.01 14.00
N GLN A 199 13.20 -18.51 14.81
CA GLN A 199 11.79 -18.28 14.53
C GLN A 199 11.45 -16.79 14.56
N SER A 200 12.02 -16.06 15.52
CA SER A 200 11.80 -14.62 15.58
C SER A 200 12.34 -13.94 14.34
N GLU A 201 13.51 -14.36 13.87
CA GLU A 201 14.09 -13.76 12.67
C GLU A 201 13.25 -14.05 11.43
N PHE A 202 12.44 -15.12 11.47
CA PHE A 202 11.65 -15.51 10.31
C PHE A 202 10.17 -15.58 10.66
N PRO A 203 9.49 -14.43 10.74
CA PRO A 203 8.05 -14.48 11.01
C PRO A 203 7.25 -15.16 9.91
N ASP A 204 7.66 -15.02 8.66
CA ASP A 204 6.89 -15.60 7.55
C ASP A 204 7.12 -17.10 7.44
N ILE A 205 8.34 -17.56 7.67
CA ILE A 205 8.61 -18.99 7.57
C ILE A 205 7.96 -19.71 8.73
N CYS A 206 7.05 -20.61 8.42
CA CYS A 206 6.26 -21.36 9.39
C CYS A 206 6.52 -22.85 9.32
N LYS A 207 6.52 -23.43 8.12
CA LYS A 207 6.69 -24.86 7.90
C LYS A 207 7.86 -25.06 6.95
N ILE A 208 8.83 -25.88 7.35
CA ILE A 208 9.99 -26.15 6.52
C ILE A 208 10.13 -27.66 6.36
N ASP A 209 10.12 -28.11 5.11
CA ASP A 209 10.24 -29.54 4.79
C ASP A 209 9.19 -30.37 5.53
N GLY A 210 8.07 -29.75 5.88
CA GLY A 210 7.07 -30.41 6.69
C GLY A 210 7.36 -30.31 8.17
N ILE A 211 8.63 -30.16 8.53
CA ILE A 211 9.00 -29.96 9.93
C ILE A 211 8.51 -28.61 10.38
N VAL A 212 7.87 -28.58 11.55
CA VAL A 212 7.30 -27.35 12.06
C VAL A 212 8.41 -26.38 12.47
N PHE A 213 8.33 -25.16 11.94
CA PHE A 213 9.19 -24.05 12.34
C PHE A 213 8.44 -23.03 13.16
N ASN A 214 7.22 -22.70 12.75
CA ASN A 214 6.26 -21.91 13.52
C ASN A 214 4.87 -22.34 13.07
N GLN A 215 3.95 -22.55 14.00
CA GLN A 215 2.62 -22.97 13.61
C GLN A 215 1.86 -21.82 12.97
N CYS A 216 1.36 -22.03 11.76
CA CYS A 216 0.65 -20.99 11.02
C CYS A 216 -0.55 -21.63 10.31
N GLU A 217 -1.16 -20.87 9.40
CA GLU A 217 -2.37 -21.29 8.72
C GLU A 217 -2.02 -22.07 7.45
N GLY A 218 -3.01 -22.18 6.56
CA GLY A 218 -2.84 -22.95 5.35
C GLY A 218 -1.78 -22.35 4.45
N GLU A 219 -1.11 -23.22 3.70
CA GLU A 219 0.09 -22.82 2.99
C GLU A 219 0.05 -23.28 1.54
N SER A 220 0.94 -22.67 0.77
CA SER A 220 1.23 -23.14 -0.58
C SER A 220 2.50 -23.99 -0.53
N LEU A 221 2.51 -25.10 -1.25
CA LEU A 221 3.60 -26.06 -1.19
C LEU A 221 4.86 -25.64 -1.94
N PRO A 222 4.79 -25.29 -3.25
CA PRO A 222 6.02 -25.22 -4.05
C PRO A 222 6.86 -23.97 -3.80
N GLN A 223 8.08 -24.16 -3.28
CA GLN A 223 9.05 -23.09 -3.14
C GLN A 223 10.45 -23.64 -2.91
N PRO A 224 11.42 -23.30 -3.76
CA PRO A 224 12.81 -23.61 -3.45
C PRO A 224 13.36 -22.62 -2.43
N PHE A 225 13.84 -23.15 -1.31
CA PHE A 225 14.28 -22.34 -0.19
C PHE A 225 15.76 -22.59 0.03
N ASP A 226 16.52 -21.50 0.13
CA ASP A 226 17.98 -21.59 0.22
C ASP A 226 18.47 -20.51 1.19
N VAL A 227 18.81 -20.93 2.41
CA VAL A 227 19.41 -20.07 3.41
C VAL A 227 20.59 -20.78 4.03
N ALA A 228 21.48 -20.01 4.64
CA ALA A 228 22.64 -20.60 5.30
C ALA A 228 22.17 -21.38 6.53
N TRP A 229 22.88 -22.47 6.82
CA TRP A 229 22.50 -23.32 7.93
C TRP A 229 23.74 -23.82 8.62
N MET A 230 23.54 -24.42 9.78
CA MET A 230 24.64 -24.92 10.59
C MET A 230 24.12 -26.01 11.50
N ASP A 231 24.91 -27.08 11.64
CA ASP A 231 24.58 -28.17 12.52
C ASP A 231 25.49 -28.12 13.73
N VAL A 232 24.88 -28.16 14.92
CA VAL A 232 25.60 -28.03 16.17
C VAL A 232 25.46 -29.35 16.93
N GLY A 233 25.20 -30.42 16.17
CA GLY A 233 25.01 -31.73 16.74
C GLY A 233 23.62 -32.00 17.28
N HIS A 234 22.66 -31.13 17.00
CA HIS A 234 21.29 -31.29 17.46
C HIS A 234 20.38 -31.54 16.27
N SER A 235 19.16 -32.00 16.57
CA SER A 235 18.24 -32.42 15.53
C SER A 235 17.79 -31.24 14.67
N HIS A 236 17.35 -30.16 15.29
CA HIS A 236 16.88 -29.00 14.55
C HIS A 236 18.06 -28.24 13.97
N LYS A 237 18.04 -28.06 12.65
CA LYS A 237 19.06 -27.24 12.01
C LYS A 237 18.85 -25.77 12.39
N ILE A 238 19.95 -25.03 12.42
CA ILE A 238 19.93 -23.62 12.78
C ILE A 238 20.31 -22.81 11.54
N ILE A 239 19.47 -21.83 11.21
CA ILE A 239 19.70 -20.96 10.07
C ILE A 239 20.01 -19.55 10.60
N MET A 240 20.61 -18.76 9.73
CA MET A 240 21.04 -17.42 10.13
C MET A 240 21.04 -16.50 8.93
N ARG A 241 20.91 -15.20 9.20
CA ARG A 241 21.01 -14.17 8.19
C ARG A 241 21.89 -13.00 8.62
N GLU A 242 22.25 -12.90 9.88
CA GLU A 242 23.06 -11.82 10.42
C GLU A 242 24.22 -12.37 11.24
N HIS A 243 24.74 -13.52 10.82
CA HIS A 243 25.82 -14.20 11.53
C HIS A 243 27.17 -13.65 11.07
N LYS A 244 28.17 -13.78 11.94
CA LYS A 244 29.54 -13.41 11.63
C LYS A 244 30.42 -14.62 11.87
N THR A 245 30.99 -15.16 10.80
CA THR A 245 31.86 -16.32 10.91
C THR A 245 33.24 -15.88 11.40
N LYS A 246 34.07 -16.86 11.74
CA LYS A 246 35.42 -16.57 12.20
C LYS A 246 36.34 -17.70 11.75
N TRP A 247 37.47 -17.34 11.16
CA TRP A 247 38.42 -18.30 10.61
C TRP A 247 39.68 -18.30 11.45
N VAL A 248 39.94 -19.43 12.11
CA VAL A 248 41.15 -19.64 12.88
C VAL A 248 41.62 -21.07 12.63
N GLN A 249 42.93 -21.23 12.44
CA GLN A 249 43.55 -22.52 12.20
C GLN A 249 44.61 -22.77 13.26
N GLU A 250 44.63 -23.98 13.80
CA GLU A 250 45.60 -24.35 14.83
C GLU A 250 46.14 -25.74 14.50
N SER A 251 47.35 -26.02 14.99
CA SER A 251 48.02 -27.28 14.70
C SER A 251 47.37 -28.39 15.53
N SER A 252 46.49 -29.16 14.90
CA SER A 252 45.81 -30.28 15.54
C SER A 252 46.25 -31.57 14.87
N SER A 253 46.56 -32.58 15.68
CA SER A 253 47.07 -33.84 15.14
C SER A 253 46.09 -34.47 14.15
N LYS A 254 44.78 -34.26 14.36
CA LYS A 254 43.81 -34.72 13.38
C LYS A 254 43.96 -33.97 12.06
N ASP A 255 44.35 -32.70 12.13
CA ASP A 255 44.54 -31.89 10.91
C ASP A 255 46.01 -31.92 10.50
N PHE A 256 46.45 -33.12 10.11
CA PHE A 256 47.78 -33.31 9.57
C PHE A 256 47.74 -34.45 8.57
N VAL A 257 48.67 -34.40 7.62
CA VAL A 257 48.78 -35.41 6.57
C VAL A 257 50.19 -35.96 6.57
N CYS A 258 50.31 -37.28 6.54
CA CYS A 258 51.59 -37.96 6.51
C CYS A 258 51.62 -38.90 5.31
N TYR A 259 52.60 -38.70 4.43
CA TYR A 259 52.71 -39.49 3.22
C TYR A 259 54.14 -39.97 3.06
N LYS A 260 54.30 -41.18 2.52
CA LYS A 260 55.64 -41.73 2.34
C LYS A 260 56.25 -41.37 0.99
N GLU A 261 55.50 -40.70 0.12
CA GLU A 261 55.93 -40.28 -1.21
C GLU A 261 56.38 -41.45 -2.08
N GLY A 262 56.19 -42.67 -1.59
CA GLY A 262 56.49 -43.90 -2.31
C GLY A 262 55.75 -45.05 -1.64
N THR A 263 55.12 -45.90 -2.44
CA THR A 263 54.26 -46.98 -1.93
C THR A 263 53.16 -46.41 -1.04
N GLY A 264 52.59 -45.28 -1.44
CA GLY A 264 51.48 -44.67 -0.74
C GLY A 264 51.91 -43.84 0.46
N PRO A 265 50.98 -43.59 1.37
CA PRO A 265 51.27 -42.76 2.54
C PRO A 265 52.05 -43.53 3.60
N CYS A 266 52.23 -42.88 4.74
CA CYS A 266 52.90 -43.51 5.87
C CYS A 266 52.05 -44.67 6.40
N SER A 267 52.72 -45.63 7.03
CA SER A 267 52.01 -46.74 7.65
C SER A 267 51.30 -46.28 8.91
N GLU A 268 50.38 -47.12 9.41
CA GLU A 268 49.70 -46.80 10.65
C GLU A 268 50.70 -46.70 11.80
N SER A 269 51.69 -47.60 11.82
CA SER A 269 52.76 -47.50 12.81
C SER A 269 53.66 -46.29 12.56
N GLU A 270 53.63 -45.75 11.34
CA GLU A 270 54.50 -44.61 11.02
C GLU A 270 53.86 -43.28 11.45
N GLU A 271 52.58 -43.09 11.13
CA GLU A 271 51.90 -41.88 11.57
C GLU A 271 51.78 -41.83 13.08
N LYS A 272 51.55 -42.99 13.71
CA LYS A 272 51.55 -43.05 15.16
C LYS A 272 52.94 -42.76 15.72
N ALA A 273 53.97 -43.12 14.96
CA ALA A 273 55.33 -42.80 15.38
C ALA A 273 55.60 -41.30 15.25
N CYS A 274 55.22 -40.70 14.12
CA CYS A 274 55.58 -39.30 13.83
C CYS A 274 55.04 -38.31 14.83
N SER A 279 62.37 -39.03 13.59
CA SER A 279 63.03 -39.31 12.33
C SER A 279 62.36 -38.58 11.18
N CYS A 280 61.04 -38.49 11.21
CA CYS A 280 60.30 -37.86 10.12
C CYS A 280 60.33 -36.34 10.27
N ARG A 281 60.85 -35.68 9.26
CA ARG A 281 60.90 -34.21 9.21
C ARG A 281 59.55 -33.67 8.75
N GLY A 282 59.46 -32.34 8.66
CA GLY A 282 58.24 -31.73 8.19
C GLY A 282 58.44 -30.24 7.99
N ASP A 283 57.36 -29.59 7.56
CA ASP A 283 57.38 -28.15 7.33
C ASP A 283 57.14 -27.44 8.66
N MET A 284 56.91 -26.12 8.61
CA MET A 284 56.66 -25.37 9.81
C MET A 284 55.25 -25.68 10.35
N GLN A 285 55.00 -25.24 11.58
CA GLN A 285 53.81 -25.61 12.35
C GLN A 285 53.84 -27.11 12.63
N PHE A 286 54.97 -27.74 12.31
CA PHE A 286 55.20 -29.15 12.59
C PHE A 286 56.53 -29.38 13.30
N LYS A 302 62.78 -40.40 5.82
CA LYS A 302 61.55 -41.01 6.28
C LYS A 302 60.36 -40.13 5.90
N CYS A 303 59.17 -40.72 5.93
CA CYS A 303 57.99 -40.09 5.34
C CYS A 303 57.68 -38.77 6.04
N ARG A 304 57.47 -37.72 5.25
CA ARG A 304 57.28 -36.37 5.76
C ARG A 304 55.82 -36.11 6.06
N CYS A 305 55.57 -35.31 7.10
CA CYS A 305 54.23 -34.87 7.46
C CYS A 305 54.16 -33.35 7.35
N SER A 306 53.08 -32.85 6.76
CA SER A 306 52.90 -31.41 6.60
C SER A 306 51.44 -31.01 6.78
N LEU A 307 51.11 -29.79 6.39
CA LEU A 307 49.77 -29.24 6.54
C LEU A 307 48.97 -29.40 5.25
N VAL A 308 47.64 -29.45 5.40
CA VAL A 308 46.73 -29.54 4.27
C VAL A 308 46.29 -28.14 3.87
N HIS A 309 45.91 -27.99 2.60
CA HIS A 309 45.53 -26.68 2.04
C HIS A 309 44.10 -26.37 2.47
N LYS A 310 43.98 -25.90 3.71
CA LYS A 310 42.67 -25.53 4.25
C LYS A 310 42.74 -24.16 4.93
N PRO A 311 41.62 -23.43 4.96
CA PRO A 311 41.61 -22.13 5.65
C PRO A 311 41.79 -22.27 7.15
N GLY A 312 41.12 -23.25 7.73
CA GLY A 312 41.21 -23.49 9.15
C GLY A 312 39.86 -23.86 9.72
N GLU A 313 39.80 -23.89 11.04
CA GLU A 313 38.56 -24.17 11.74
C GLU A 313 37.59 -23.00 11.59
N VAL A 314 36.30 -23.29 11.70
CA VAL A 314 35.24 -22.29 11.62
C VAL A 314 34.69 -22.05 13.01
N VAL A 315 34.47 -20.78 13.36
CA VAL A 315 33.79 -20.40 14.58
C VAL A 315 32.66 -19.45 14.21
N VAL A 316 31.45 -19.80 14.60
CA VAL A 316 30.25 -19.06 14.20
C VAL A 316 29.74 -18.27 15.39
N SER A 317 29.68 -16.95 15.24
CA SER A 317 29.07 -16.06 16.21
C SER A 317 27.89 -15.38 15.54
N TYR A 318 26.68 -15.66 16.04
CA TYR A 318 25.44 -15.18 15.40
C TYR A 318 24.63 -14.43 16.46
N GLY A 319 24.95 -13.16 16.66
CA GLY A 319 24.20 -12.33 17.57
C GLY A 319 24.39 -12.64 19.05
N GLY A 320 25.58 -12.40 19.57
CA GLY A 320 25.78 -12.41 21.00
C GLY A 320 26.16 -13.73 21.63
N MET A 321 26.59 -14.72 20.83
CA MET A 321 27.13 -15.96 21.36
C MET A 321 28.11 -16.55 20.37
N ARG A 322 28.85 -17.56 20.83
CA ARG A 322 29.92 -18.19 20.05
C ARG A 322 29.58 -19.67 19.92
N VAL A 323 29.42 -20.13 18.68
CA VAL A 323 28.99 -21.50 18.41
C VAL A 323 29.95 -22.14 17.42
N ARG A 324 30.26 -23.42 17.64
CA ARG A 324 31.12 -24.18 16.74
C ARG A 324 30.26 -24.99 15.78
N PRO A 325 30.59 -25.04 14.49
CA PRO A 325 29.80 -25.85 13.56
C PRO A 325 30.37 -27.24 13.33
N LYS A 326 29.49 -28.23 13.14
CA LYS A 326 29.96 -29.51 12.63
C LYS A 326 30.17 -29.43 11.12
N CYS A 327 29.15 -28.96 10.39
CA CYS A 327 29.24 -28.79 8.95
C CYS A 327 28.50 -27.50 8.61
N TYR A 328 29.22 -26.38 8.57
CA TYR A 328 28.66 -25.09 8.19
C TYR A 328 28.60 -25.02 6.68
N GLY A 329 27.39 -24.84 6.14
CA GLY A 329 27.24 -24.83 4.71
C GLY A 329 25.94 -24.18 4.29
N PHE A 330 25.75 -24.15 2.98
CA PHE A 330 24.57 -23.57 2.35
C PHE A 330 23.92 -24.64 1.49
N SER A 331 22.60 -24.63 1.40
CA SER A 331 21.92 -25.64 0.58
C SER A 331 20.50 -25.18 0.28
N ARG A 332 19.87 -25.87 -0.67
CA ARG A 332 18.51 -25.56 -1.06
C ARG A 332 17.53 -26.57 -0.47
N MET A 333 16.45 -26.06 0.10
CA MET A 333 15.38 -26.86 0.67
C MET A 333 14.05 -26.43 0.07
N MET A 334 13.04 -27.23 0.37
CA MET A 334 11.66 -26.88 0.04
C MET A 334 11.06 -26.18 1.24
N ALA A 335 10.37 -25.06 1.00
CA ALA A 335 9.66 -24.37 2.07
C ALA A 335 8.22 -24.18 1.64
N THR A 336 7.39 -23.66 2.54
CA THR A 336 6.01 -23.37 2.19
C THR A 336 5.66 -21.99 2.76
N MET A 337 4.67 -21.35 2.14
CA MET A 337 4.27 -20.03 2.60
C MET A 337 2.80 -20.02 2.96
N GLU A 338 2.48 -19.32 4.04
CA GLU A 338 1.11 -19.13 4.47
C GLU A 338 0.64 -17.75 4.02
N VAL A 339 -0.66 -17.52 4.12
CA VAL A 339 -1.25 -16.26 3.71
C VAL A 339 -2.41 -15.94 4.62
N ASN A 340 -2.60 -14.66 4.91
CA ASN A 340 -3.70 -14.23 5.74
C ASN A 340 -4.72 -13.58 4.81
N PRO A 341 -5.93 -14.16 4.76
CA PRO A 341 -6.98 -13.60 3.93
C PRO A 341 -7.97 -12.94 4.86
N PRO A 342 -8.12 -11.61 4.76
CA PRO A 342 -9.07 -10.96 5.66
C PRO A 342 -10.22 -10.30 4.91
N GLU A 343 -11.45 -10.62 5.32
CA GLU A 343 -12.62 -10.02 4.70
C GLU A 343 -13.04 -8.98 5.74
N GLN A 344 -13.03 -7.71 5.33
CA GLN A 344 -13.37 -6.65 6.26
C GLN A 344 -14.54 -5.79 5.80
N ARG A 345 -15.50 -5.61 6.70
CA ARG A 345 -16.66 -4.78 6.43
C ARG A 345 -17.53 -4.58 7.68
N ILE A 346 -18.07 -3.38 7.85
CA ILE A 346 -18.89 -3.09 9.02
C ILE A 346 -20.12 -2.31 8.59
N GLY A 347 -21.23 -2.51 9.32
CA GLY A 347 -22.44 -1.77 9.08
C GLY A 347 -23.43 -1.99 10.20
N GLN A 348 -23.94 -0.87 10.73
CA GLN A 348 -24.80 -0.92 11.91
C GLN A 348 -25.88 0.15 11.89
N CYS A 349 -26.95 -0.07 12.65
CA CYS A 349 -27.99 0.94 12.80
C CYS A 349 -27.52 2.03 13.75
N THR A 350 -28.09 3.23 13.56
CA THR A 350 -27.76 4.39 14.38
C THR A 350 -29.02 5.17 14.68
N GLY A 351 -28.99 5.97 15.75
CA GLY A 351 -30.07 6.88 16.06
C GLY A 351 -29.75 8.31 15.69
N CYS A 352 -30.62 8.94 14.88
CA CYS A 352 -30.41 10.29 14.41
C CYS A 352 -31.69 11.10 14.62
N HIS A 353 -31.57 12.28 15.23
CA HIS A 353 -32.71 13.14 15.51
C HIS A 353 -32.27 14.59 15.48
N LEU A 354 -33.25 15.48 15.35
CA LEU A 354 -33.03 16.93 15.37
C LEU A 354 -33.84 17.51 16.52
N GLU A 355 -33.18 18.30 17.37
CA GLU A 355 -33.88 18.90 18.50
C GLU A 355 -34.38 20.30 18.16
N CYS A 356 -33.49 21.15 17.65
CA CYS A 356 -33.82 22.51 17.24
C CYS A 356 -32.84 22.92 16.15
N ILE A 357 -33.30 23.80 15.27
CA ILE A 357 -32.51 24.22 14.11
C ILE A 357 -32.50 25.74 14.05
N ASN A 358 -31.29 26.30 14.01
CA ASN A 358 -31.07 27.74 13.86
C ASN A 358 -30.03 28.00 12.77
N GLY A 359 -30.14 27.28 11.66
CA GLY A 359 -29.24 27.49 10.55
C GLY A 359 -29.55 28.77 9.79
N GLY A 360 -28.67 29.08 8.85
CA GLY A 360 -28.75 30.33 8.13
C GLY A 360 -27.36 30.81 7.74
N VAL A 361 -27.01 32.02 8.17
CA VAL A 361 -25.62 32.46 8.07
C VAL A 361 -24.83 32.00 9.28
N ARG A 362 -25.48 31.85 10.43
CA ARG A 362 -24.78 31.47 11.65
C ARG A 362 -24.39 29.99 11.62
N LEU A 363 -23.19 29.70 12.10
CA LEU A 363 -22.59 28.38 11.90
C LEU A 363 -23.10 27.35 12.89
N ILE A 364 -23.80 27.77 13.95
CA ILE A 364 -24.17 26.86 15.03
C ILE A 364 -25.57 26.32 14.80
N THR A 365 -25.70 25.00 14.91
CA THR A 365 -26.99 24.32 14.88
C THR A 365 -27.00 23.21 15.92
N LEU A 366 -28.19 22.79 16.31
CA LEU A 366 -28.39 21.77 17.32
C LEU A 366 -28.82 20.47 16.65
N THR A 367 -27.99 19.44 16.79
CA THR A 367 -28.25 18.13 16.21
C THR A 367 -28.05 17.07 17.29
N SER A 368 -28.91 16.06 17.30
CA SER A 368 -28.86 14.99 18.30
C SER A 368 -28.85 13.63 17.58
N GLU A 369 -27.65 13.09 17.36
CA GLU A 369 -27.52 11.79 16.73
C GLU A 369 -26.71 10.87 17.63
N LEU A 370 -26.95 9.57 17.46
CA LEU A 370 -26.33 8.55 18.29
C LEU A 370 -25.78 7.47 17.38
N LYS A 371 -24.80 6.72 17.88
CA LYS A 371 -24.17 5.66 17.10
C LYS A 371 -24.25 4.36 17.88
N SER A 372 -24.44 3.26 17.15
CA SER A 372 -24.45 1.92 17.72
C SER A 372 -23.39 1.11 16.99
N ALA A 373 -22.15 1.22 17.47
CA ALA A 373 -21.03 0.51 16.88
C ALA A 373 -19.88 0.53 17.88
N THR A 374 -18.87 -0.30 17.59
CA THR A 374 -17.71 -0.41 18.46
C THR A 374 -16.38 -0.27 17.73
N VAL A 375 -16.38 -0.03 16.42
CA VAL A 375 -15.12 0.10 15.69
C VAL A 375 -14.41 1.37 16.13
N CYS A 376 -13.14 1.23 16.51
CA CYS A 376 -12.36 2.39 16.91
C CYS A 376 -12.19 3.36 15.75
N ALA A 377 -12.04 2.82 14.54
CA ALA A 377 -11.89 3.64 13.35
C ALA A 377 -13.26 4.17 12.92
N SER A 378 -13.37 5.49 12.84
CA SER A 378 -14.58 6.14 12.37
C SER A 378 -14.31 6.77 11.01
N HIS A 379 -15.22 6.55 10.08
CA HIS A 379 -15.05 7.04 8.72
C HIS A 379 -15.57 8.47 8.63
N PHE A 380 -15.77 8.95 7.41
CA PHE A 380 -16.14 10.34 7.18
C PHE A 380 -17.56 10.59 7.69
N CYS A 381 -18.05 11.81 7.49
CA CYS A 381 -19.46 12.12 7.59
C CYS A 381 -19.81 13.00 6.40
N SER A 382 -21.03 13.55 6.40
CA SER A 382 -21.41 14.37 5.26
C SER A 382 -21.89 15.75 5.69
N SER A 383 -22.44 16.47 4.73
CA SER A 383 -22.97 17.80 4.89
C SER A 383 -24.49 17.74 4.89
N ALA A 384 -25.12 18.91 4.86
CA ALA A 384 -26.56 19.01 4.70
C ALA A 384 -26.87 19.71 3.39
N THR A 385 -28.15 19.99 3.16
CA THR A 385 -28.55 20.66 1.94
C THR A 385 -27.95 22.07 1.88
N SER A 386 -27.84 22.59 0.66
CA SER A 386 -27.36 23.95 0.40
C SER A 386 -25.91 24.14 0.83
N GLY A 387 -25.04 23.23 0.37
CA GLY A 387 -23.60 23.43 0.43
C GLY A 387 -23.00 23.58 1.82
N LYS A 388 -23.05 22.52 2.61
CA LYS A 388 -22.46 22.53 3.95
C LYS A 388 -21.08 21.89 3.93
N LYS A 389 -20.36 22.09 5.03
CA LYS A 389 -19.17 21.29 5.33
C LYS A 389 -19.08 21.19 6.85
N SER A 390 -19.62 20.10 7.39
CA SER A 390 -19.68 19.93 8.83
C SER A 390 -18.27 19.85 9.40
N THR A 391 -18.01 20.63 10.45
CA THR A 391 -16.66 20.72 11.01
C THR A 391 -16.23 19.43 11.70
N GLU A 392 -17.16 18.52 11.99
CA GLU A 392 -16.83 17.26 12.67
C GLU A 392 -17.40 16.11 11.85
N ILE A 393 -16.59 15.56 10.96
CA ILE A 393 -16.99 14.46 10.11
C ILE A 393 -16.57 13.11 10.69
N HIS A 394 -15.42 13.06 11.37
CA HIS A 394 -14.91 11.84 11.97
C HIS A 394 -14.79 12.04 13.47
N PHE A 395 -15.33 11.08 14.23
CA PHE A 395 -15.22 11.11 15.68
C PHE A 395 -15.35 9.69 16.19
N HIS A 396 -14.60 9.36 17.24
CA HIS A 396 -14.38 7.96 17.62
C HIS A 396 -15.71 7.22 17.78
N SER A 397 -15.78 6.02 17.22
CA SER A 397 -17.00 5.21 17.22
C SER A 397 -16.82 3.94 18.04
N GLY A 398 -16.10 4.04 19.16
CA GLY A 398 -15.88 2.86 19.99
C GLY A 398 -17.05 2.59 20.91
N SER A 399 -17.62 3.64 21.48
CA SER A 399 -18.68 3.52 22.49
C SER A 399 -19.94 4.24 22.02
N LEU A 400 -20.89 4.39 22.94
CA LEU A 400 -22.14 5.09 22.69
C LEU A 400 -22.01 6.55 23.15
N VAL A 401 -21.37 7.35 22.30
CA VAL A 401 -21.19 8.78 22.56
C VAL A 401 -22.12 9.53 21.62
N GLY A 402 -23.01 10.34 22.18
CA GLY A 402 -23.88 11.16 21.37
C GLY A 402 -23.12 12.28 20.67
N LYS A 403 -23.64 12.69 19.53
CA LYS A 403 -22.96 13.64 18.64
C LYS A 403 -23.86 14.82 18.36
N ALA A 404 -23.28 16.01 18.29
CA ALA A 404 -23.98 17.24 17.92
C ALA A 404 -23.13 17.98 16.90
N ALA A 405 -23.59 18.02 15.65
CA ALA A 405 -22.86 18.69 14.58
C ALA A 405 -23.36 20.11 14.41
N ILE A 406 -22.67 20.88 13.57
CA ILE A 406 -23.03 22.27 13.29
C ILE A 406 -23.18 22.45 11.79
N HIS A 407 -24.25 23.15 11.40
CA HIS A 407 -24.53 23.46 10.01
C HIS A 407 -25.16 24.85 9.95
N VAL A 408 -25.57 25.26 8.75
CA VAL A 408 -26.17 26.57 8.54
C VAL A 408 -27.48 26.42 7.78
N LYS A 409 -28.18 25.31 7.99
CA LYS A 409 -29.32 24.93 7.15
C LYS A 409 -30.52 25.84 7.32
N GLY A 410 -31.12 25.86 8.51
CA GLY A 410 -32.25 26.73 8.77
C GLY A 410 -33.47 26.49 7.91
N ALA A 411 -33.71 25.24 7.52
CA ALA A 411 -34.87 24.91 6.71
C ALA A 411 -35.99 24.39 7.62
N LEU A 412 -37.05 23.84 7.03
CA LEU A 412 -38.19 23.34 7.80
C LEU A 412 -38.02 21.85 8.13
N VAL A 413 -38.00 21.00 7.11
CA VAL A 413 -37.78 19.57 7.35
C VAL A 413 -36.33 19.32 7.75
N ASP A 414 -35.39 19.92 7.01
CA ASP A 414 -33.96 19.82 7.28
C ASP A 414 -33.51 18.36 7.32
N GLY A 415 -33.91 17.63 6.28
CA GLY A 415 -33.54 16.23 6.18
C GLY A 415 -32.33 16.04 5.28
N THR A 416 -31.29 15.39 5.80
CA THR A 416 -30.07 15.20 5.05
C THR A 416 -29.59 13.76 5.25
N GLU A 417 -28.37 13.48 4.80
CA GLU A 417 -27.87 12.11 4.76
C GLU A 417 -26.35 12.14 4.83
N PHE A 418 -25.78 10.97 5.11
CA PHE A 418 -24.34 10.80 5.12
C PHE A 418 -24.00 9.36 4.72
N THR A 419 -22.92 9.20 3.97
CA THR A 419 -22.51 7.90 3.44
C THR A 419 -21.09 7.59 3.89
N PHE A 420 -20.95 7.15 5.13
CA PHE A 420 -19.73 6.44 5.52
C PHE A 420 -20.15 5.07 6.02
N GLU A 421 -21.16 5.04 6.89
CA GLU A 421 -21.77 3.81 7.34
C GLU A 421 -23.29 3.89 7.46
N GLY A 422 -23.87 5.08 7.61
CA GLY A 422 -25.32 5.19 7.77
C GLY A 422 -26.08 5.05 6.47
N SER A 423 -25.48 5.48 5.36
CA SER A 423 -25.99 5.21 4.02
C SER A 423 -27.37 5.84 3.78
N CYS A 424 -27.40 7.16 3.80
CA CYS A 424 -28.51 7.96 3.24
C CYS A 424 -29.85 7.63 3.91
N MET A 425 -29.92 7.93 5.20
CA MET A 425 -31.21 7.89 5.89
C MET A 425 -31.95 9.21 5.69
N PHE A 426 -33.26 9.18 5.98
CA PHE A 426 -34.16 10.31 5.72
C PHE A 426 -34.83 10.76 7.02
N PRO A 427 -34.28 11.77 7.68
CA PRO A 427 -34.95 12.34 8.86
C PRO A 427 -36.03 13.35 8.46
N ASP A 428 -36.82 13.73 9.45
CA ASP A 428 -37.89 14.70 9.29
C ASP A 428 -37.78 15.78 10.35
N GLY A 429 -38.33 16.96 10.05
CA GLY A 429 -38.31 18.05 10.99
C GLY A 429 -39.37 19.08 10.64
N CYS A 430 -39.53 20.05 11.55
CA CYS A 430 -40.44 21.17 11.36
C CYS A 430 -39.96 22.33 12.21
N ASN A 431 -39.78 23.49 11.58
CA ASN A 431 -39.22 24.66 12.25
C ASN A 431 -40.10 25.87 11.99
N ALA A 432 -40.29 26.64 13.04
CA ALA A 432 -41.07 27.88 12.98
C ALA A 432 -40.40 29.00 13.77
N ASP A 434 -39.59 32.17 13.25
CA ASP A 434 -39.47 33.22 14.25
C ASP A 434 -37.98 33.45 14.54
N CYS A 435 -37.42 34.50 13.95
CA CYS A 435 -36.01 34.84 14.10
C CYS A 435 -35.89 36.36 14.02
N THR A 436 -34.68 36.86 13.78
CA THR A 436 -34.49 38.29 13.61
C THR A 436 -35.37 38.82 12.49
N PHE A 437 -36.04 39.94 12.76
CA PHE A 437 -37.04 40.48 11.86
C PHE A 437 -36.48 41.42 10.81
N CYS A 438 -35.16 41.46 10.65
CA CYS A 438 -34.54 42.31 9.64
C CYS A 438 -34.85 41.80 8.25
N ARG A 439 -35.24 42.72 7.36
CA ARG A 439 -35.58 42.37 5.99
C ARG A 439 -35.43 43.61 5.11
N GLU A 440 -35.06 43.38 3.85
CA GLU A 440 -34.92 44.49 2.91
C GLU A 440 -36.26 45.16 2.65
N PHE A 441 -37.33 44.37 2.51
CA PHE A 441 -38.64 44.93 2.27
C PHE A 441 -39.18 45.62 3.51
N LEU A 442 -40.10 46.56 3.30
CA LEU A 442 -40.71 47.30 4.38
C LEU A 442 -42.18 46.90 4.55
N LYS A 443 -42.52 46.48 5.77
CA LYS A 443 -43.87 46.05 6.15
C LYS A 443 -44.41 44.96 5.23
N ASN A 444 -45.68 45.08 4.87
CA ASN A 444 -46.34 44.10 3.99
C ASN A 444 -47.58 44.68 3.33
N PRO A 445 -48.03 44.05 2.25
CA PRO A 445 -49.24 44.48 1.56
C PRO A 445 -50.45 44.31 2.47
N GLN A 446 -51.33 45.31 2.46
CA GLN A 446 -52.51 45.29 3.32
C GLN A 446 -53.82 45.53 2.58
N CYS A 447 -54.91 45.10 3.19
CA CYS A 447 -56.24 45.23 2.60
C CYS A 447 -56.62 46.69 2.39
N TYR A 448 -56.26 47.55 3.34
CA TYR A 448 -56.53 48.99 3.28
C TYR A 448 -58.00 49.34 3.11
N PRO A 449 -58.29 50.10 2.06
CA PRO A 449 -59.62 50.59 1.66
C PRO A 449 -60.25 51.63 2.59
N ALA A 450 -59.40 52.32 3.36
CA ALA A 450 -59.83 53.39 4.24
C ALA A 450 -60.45 52.88 5.54
N LYS A 451 -60.50 51.56 5.76
CA LYS A 451 -61.04 51.02 6.99
C LYS A 451 -59.96 50.77 8.04
N LYS A 452 -58.77 50.35 7.63
CA LYS A 452 -57.66 50.15 8.54
C LYS A 452 -56.73 51.35 8.62
N TRP A 453 -56.61 52.12 7.53
CA TRP A 453 -55.78 53.32 7.56
C TRP A 453 -56.35 54.35 8.53
N LEU A 454 -57.67 54.50 8.58
CA LEU A 454 -58.28 55.43 9.51
C LEU A 454 -58.01 55.03 10.96
N PHE A 455 -58.08 53.74 11.25
CA PHE A 455 -57.78 53.27 12.60
C PHE A 455 -56.30 53.47 12.96
N ILE A 456 -55.42 53.37 11.96
CA ILE A 456 -53.99 53.56 12.22
C ILE A 456 -53.71 54.99 12.64
N ILE A 457 -54.37 55.97 12.02
CA ILE A 457 -54.17 57.38 12.34
C ILE A 457 -55.01 57.74 13.56
N ILE A 458 -54.35 58.31 14.58
CA ILE A 458 -55.03 58.72 15.80
C ILE A 458 -54.75 60.18 16.11
N VAL A 459 -55.20 60.65 17.27
CA VAL A 459 -54.97 62.03 17.66
C VAL A 459 -53.49 62.28 17.92
N ILE A 460 -52.99 63.41 17.43
CA ILE A 460 -51.60 63.79 17.60
C ILE A 460 -51.37 64.67 18.83
N LEU A 461 -52.34 65.51 19.18
CA LEU A 461 -52.19 66.38 20.35
C LEU A 461 -52.21 65.59 21.66
N LEU A 462 -52.76 64.37 21.65
CA LEU A 462 -52.78 63.56 22.87
C LEU A 462 -51.37 63.22 23.33
N GLY A 463 -50.49 62.89 22.39
CA GLY A 463 -49.10 62.59 22.75
C GLY A 463 -48.40 63.80 23.34
N TYR A 464 -48.63 64.99 22.77
CA TYR A 464 -48.01 66.19 23.31
C TYR A 464 -48.64 66.60 24.63
N ALA A 465 -49.87 66.16 24.90
CA ALA A 465 -50.53 66.49 26.16
C ALA A 465 -49.79 65.85 27.34
N GLY A 466 -49.32 64.61 27.17
CA GLY A 466 -48.59 63.94 28.24
C GLY A 466 -47.30 64.67 28.58
N LEU A 467 -46.58 65.15 27.56
CA LEU A 467 -45.35 65.89 27.81
C LEU A 467 -45.62 67.24 28.46
N MET A 468 -46.75 67.85 28.14
CA MET A 468 -47.08 69.15 28.73
C MET A 468 -47.30 69.03 30.23
N LEU A 469 -47.93 67.95 30.69
CA LEU A 469 -48.18 67.77 32.11
C LEU A 469 -46.87 67.60 32.89
N LEU A 470 -45.88 66.93 32.30
CA LEU A 470 -44.60 66.73 32.99
C LEU A 470 -43.89 68.05 33.22
N THR A 471 -43.96 68.98 32.27
CA THR A 471 -43.29 70.28 32.43
C THR A 471 -43.86 71.08 33.59
N ASN A 472 -45.18 71.06 33.76
CA ASN A 472 -45.79 71.81 34.85
C ASN A 472 -45.37 71.26 36.21
N VAL A 473 -45.31 69.93 36.34
CA VAL A 473 -44.91 69.34 37.61
C VAL A 473 -43.46 69.64 37.93
N LEU A 474 -42.58 69.60 36.93
CA LEU A 474 -41.16 69.87 37.17
C LEU A 474 -40.94 71.31 37.63
N LYS A 475 -41.63 72.27 37.00
CA LYS A 475 -41.48 73.66 37.39
C LYS A 475 -42.01 73.90 38.80
N CYS B 1 -33.04 21.57 -10.40
CA CYS B 1 -32.13 22.41 -11.18
C CYS B 1 -32.77 23.75 -11.56
N ASP B 2 -32.35 24.81 -10.88
CA ASP B 2 -32.83 26.15 -11.20
C ASP B 2 -32.16 26.66 -12.48
N GLU B 3 -30.94 26.22 -12.74
CA GLU B 3 -30.25 26.57 -13.97
C GLU B 3 -30.37 25.42 -14.96
N MET B 4 -30.91 25.71 -16.14
CA MET B 4 -31.10 24.67 -17.15
C MET B 4 -30.92 25.31 -18.52
N VAL B 5 -30.26 24.60 -19.44
CA VAL B 5 -30.06 25.08 -20.79
C VAL B 5 -30.29 23.94 -21.78
N HIS B 6 -31.00 24.23 -22.86
CA HIS B 6 -31.31 23.25 -23.89
C HIS B 6 -30.09 23.02 -24.77
N ALA B 7 -30.14 21.92 -25.53
CA ALA B 7 -29.05 21.61 -26.43
C ALA B 7 -29.12 22.48 -27.69
N ASP B 8 -28.00 22.54 -28.40
CA ASP B 8 -27.89 23.23 -29.68
C ASP B 8 -28.09 22.19 -30.77
N SER B 9 -29.35 22.03 -31.18
CA SER B 9 -29.74 20.93 -32.06
C SER B 9 -29.57 21.24 -33.54
N LYS B 10 -28.71 22.20 -33.91
CA LYS B 10 -28.45 22.43 -35.32
C LYS B 10 -27.74 21.24 -35.94
N LEU B 11 -26.92 20.54 -35.17
CA LEU B 11 -26.33 19.28 -35.61
C LEU B 11 -27.42 18.21 -35.62
N VAL B 12 -27.91 17.87 -36.80
CA VAL B 12 -28.91 16.83 -36.97
C VAL B 12 -28.33 15.75 -37.87
N SER B 13 -28.12 14.57 -37.30
CA SER B 13 -27.79 13.38 -38.08
C SER B 13 -28.54 12.23 -37.41
N CYS B 14 -29.78 12.01 -37.83
CA CYS B 14 -30.68 11.10 -37.17
C CYS B 14 -31.08 10.04 -38.18
N ARG B 15 -30.77 8.79 -37.88
CA ARG B 15 -31.10 7.69 -38.78
C ARG B 15 -32.32 6.96 -38.26
N GLN B 16 -33.25 6.65 -39.17
CA GLN B 16 -34.54 6.06 -38.78
C GLN B 16 -34.39 4.54 -38.76
N GLY B 17 -33.68 4.04 -37.75
CA GLY B 17 -33.52 2.61 -37.60
C GLY B 17 -34.85 1.90 -37.39
N SER B 18 -35.75 2.51 -36.61
CA SER B 18 -37.12 2.06 -36.48
C SER B 18 -38.05 3.25 -36.67
N GLY B 19 -39.20 3.00 -37.30
CA GLY B 19 -40.16 4.05 -37.54
C GLY B 19 -40.79 4.58 -36.28
N ASN B 20 -41.13 3.68 -35.36
CA ASN B 20 -41.81 4.07 -34.12
C ASN B 20 -40.94 4.95 -33.23
N MET B 21 -39.70 4.54 -32.94
CA MET B 21 -38.78 5.42 -32.23
C MET B 21 -37.54 5.64 -33.08
N LYS B 22 -37.07 6.88 -33.13
CA LYS B 22 -35.99 7.28 -34.00
C LYS B 22 -34.64 7.01 -33.31
N GLU B 23 -33.55 7.18 -34.05
CA GLU B 23 -32.21 7.14 -33.47
C GLU B 23 -31.40 8.30 -34.02
N CYS B 24 -30.47 8.79 -33.21
CA CYS B 24 -29.71 9.97 -33.61
C CYS B 24 -28.43 10.04 -32.80
N VAL B 25 -27.34 10.48 -33.45
CA VAL B 25 -26.07 10.68 -32.78
C VAL B 25 -25.52 12.04 -33.19
N THR B 26 -25.04 12.81 -32.22
CA THR B 26 -24.52 14.15 -32.46
C THR B 26 -23.30 14.38 -31.60
N THR B 27 -22.79 15.61 -31.65
CA THR B 27 -21.64 16.02 -30.86
C THR B 27 -21.68 17.54 -30.72
N GLY B 28 -20.58 18.11 -30.25
CA GLY B 28 -20.46 19.55 -30.15
C GLY B 28 -19.72 19.95 -28.88
N ARG B 29 -20.17 21.05 -28.29
CA ARG B 29 -19.57 21.60 -27.08
C ARG B 29 -20.66 22.28 -26.27
N ALA B 30 -20.42 22.39 -24.96
CA ALA B 30 -21.41 22.96 -24.05
C ALA B 30 -20.74 23.99 -23.14
N LEU B 31 -21.55 24.94 -22.69
CA LEU B 31 -21.10 26.04 -21.83
C LEU B 31 -22.15 26.27 -20.74
N LEU B 32 -21.87 25.76 -19.56
CA LEU B 32 -22.81 25.85 -18.45
C LEU B 32 -22.22 26.60 -17.26
N PRO B 33 -22.95 27.54 -16.68
CA PRO B 33 -22.52 28.15 -15.42
C PRO B 33 -22.55 27.14 -14.28
N ALA B 34 -21.69 27.36 -13.29
CA ALA B 34 -21.67 26.51 -12.11
C ALA B 34 -22.90 26.79 -11.26
N VAL B 35 -23.46 25.72 -10.68
CA VAL B 35 -24.64 25.83 -9.83
C VAL B 35 -24.18 25.96 -8.38
N ASN B 36 -25.09 26.43 -7.53
CA ASN B 36 -24.78 26.54 -6.11
C ASN B 36 -24.49 25.16 -5.51
N PRO B 37 -23.64 25.10 -4.50
CA PRO B 37 -23.24 23.80 -3.95
C PRO B 37 -24.42 23.04 -3.38
N GLY B 38 -24.34 21.71 -3.45
CA GLY B 38 -25.39 20.84 -2.99
C GLY B 38 -26.54 20.66 -3.95
N GLN B 39 -26.44 21.17 -5.17
CA GLN B 39 -27.52 21.13 -6.14
C GLN B 39 -27.05 20.39 -7.38
N GLU B 40 -28.01 20.06 -8.23
CA GLU B 40 -27.75 19.42 -9.51
C GLU B 40 -28.20 20.33 -10.65
N ALA B 41 -27.45 20.29 -11.75
CA ALA B 41 -27.72 21.10 -12.92
C ALA B 41 -28.12 20.21 -14.08
N CYS B 42 -29.19 20.60 -14.77
CA CYS B 42 -29.81 19.80 -15.81
C CYS B 42 -29.28 20.19 -17.18
N LEU B 43 -29.62 19.40 -18.19
CA LEU B 43 -29.19 19.68 -19.56
C LEU B 43 -30.23 19.13 -20.52
N HIS B 44 -30.98 20.02 -21.16
CA HIS B 44 -32.03 19.64 -22.08
C HIS B 44 -31.45 19.29 -23.44
N PHE B 45 -31.98 18.22 -24.04
CA PHE B 45 -31.66 17.85 -25.40
C PHE B 45 -32.91 18.02 -26.26
N THR B 46 -32.76 18.64 -27.43
CA THR B 46 -33.88 18.91 -28.30
C THR B 46 -33.73 18.10 -29.59
N ALA B 47 -34.88 17.75 -30.17
CA ALA B 47 -34.93 16.98 -31.40
C ALA B 47 -36.01 17.52 -32.32
N PRO B 48 -35.82 17.38 -33.65
CA PRO B 48 -36.89 17.81 -34.57
C PRO B 48 -38.22 17.09 -34.33
N GLY B 49 -38.17 15.80 -34.02
CA GLY B 49 -39.39 15.10 -33.67
C GLY B 49 -39.92 15.55 -32.32
N SER B 50 -41.17 15.97 -32.33
CA SER B 50 -41.81 16.57 -31.16
C SER B 50 -41.92 15.62 -29.97
N PRO B 51 -42.39 14.39 -30.13
CA PRO B 51 -42.74 13.58 -28.94
C PRO B 51 -41.58 13.29 -28.00
N ASP B 52 -40.36 13.09 -28.49
CA ASP B 52 -39.30 12.50 -27.68
C ASP B 52 -38.12 13.44 -27.47
N SER B 53 -37.55 13.35 -26.27
CA SER B 53 -36.38 14.13 -25.87
C SER B 53 -35.74 13.44 -24.67
N LYS B 54 -34.50 13.81 -24.38
CA LYS B 54 -33.74 13.33 -23.23
C LYS B 54 -33.14 14.51 -22.48
N CYS B 55 -32.47 14.20 -21.36
CA CYS B 55 -31.86 15.23 -20.51
C CYS B 55 -30.63 14.64 -19.82
N LEU B 56 -29.94 15.48 -19.05
CA LEU B 56 -28.78 15.07 -18.28
C LEU B 56 -28.61 16.03 -17.11
N LYS B 57 -28.50 15.49 -15.90
CA LYS B 57 -28.29 16.30 -14.71
C LYS B 57 -26.87 16.08 -14.19
N ILE B 58 -26.30 17.10 -13.56
CA ILE B 58 -25.00 17.01 -12.92
C ILE B 58 -25.13 17.58 -11.52
N LYS B 59 -24.89 16.76 -10.51
CA LYS B 59 -24.99 17.18 -9.11
C LYS B 59 -23.60 17.46 -8.55
N VAL B 60 -23.47 18.60 -7.88
CA VAL B 60 -22.26 18.95 -7.14
C VAL B 60 -22.48 18.63 -5.68
N LYS B 61 -21.41 18.30 -4.98
CA LYS B 61 -21.58 17.91 -3.59
C LYS B 61 -20.72 18.70 -2.62
N ARG B 62 -19.46 19.00 -2.96
CA ARG B 62 -18.55 19.65 -2.03
C ARG B 62 -17.60 20.55 -2.78
N ILE B 63 -16.98 21.47 -2.03
CA ILE B 63 -15.90 22.31 -2.51
C ILE B 63 -14.73 22.17 -1.54
N ASN B 64 -13.54 21.96 -2.08
CA ASN B 64 -12.35 21.75 -1.26
C ASN B 64 -11.14 22.17 -2.05
N LEU B 65 -9.96 22.03 -1.42
CA LEU B 65 -8.68 22.44 -2.00
C LEU B 65 -7.76 21.25 -2.00
N LYS B 66 -7.75 20.50 -3.10
CA LYS B 66 -6.85 19.36 -3.29
C LYS B 66 -5.89 19.68 -4.43
N CYS B 67 -4.99 18.74 -4.72
CA CYS B 67 -4.05 18.91 -5.81
C CYS B 67 -3.78 17.53 -6.41
N LYS B 68 -3.47 17.50 -7.70
CA LYS B 68 -3.44 16.24 -8.45
C LYS B 68 -2.17 15.46 -8.18
N LYS B 69 -2.26 14.14 -8.27
CA LYS B 69 -1.09 13.30 -8.02
C LYS B 69 -0.13 13.34 -9.20
N SER B 70 0.84 14.26 -9.16
CA SER B 70 1.80 14.38 -10.25
C SER B 70 2.73 13.18 -10.32
N SER B 71 3.11 12.62 -9.18
CA SER B 71 4.00 11.48 -9.13
C SER B 71 3.48 10.49 -8.10
N SER B 72 4.28 9.47 -7.80
CA SER B 72 3.87 8.45 -6.82
C SER B 72 5.07 7.60 -6.41
N TYR B 73 5.28 7.43 -5.11
CA TYR B 73 6.40 6.65 -4.61
C TYR B 73 6.00 6.04 -3.27
N PHE B 74 6.72 4.98 -2.88
CA PHE B 74 6.54 4.32 -1.60
C PHE B 74 7.81 4.46 -0.77
N VAL B 75 7.62 4.48 0.55
CA VAL B 75 8.75 4.59 1.47
C VAL B 75 8.69 3.44 2.48
N PRO B 76 9.57 2.46 2.38
CA PRO B 76 9.67 1.42 3.40
C PRO B 76 10.48 1.92 4.59
N ASP B 77 10.72 1.02 5.53
CA ASP B 77 11.42 1.35 6.77
C ASP B 77 12.76 0.63 6.79
N ALA B 78 13.84 1.40 6.71
CA ALA B 78 15.16 0.82 6.58
C ALA B 78 15.76 0.48 7.93
N ARG B 79 16.34 -0.71 8.01
CA ARG B 79 17.21 -1.10 9.12
C ARG B 79 18.55 -1.55 8.57
N SER B 80 19.61 -1.01 9.16
CA SER B 80 20.97 -1.20 8.67
C SER B 80 21.55 -2.42 9.38
N ARG B 81 21.66 -3.53 8.65
CA ARG B 81 22.20 -4.76 9.17
C ARG B 81 23.49 -5.06 8.43
N CYS B 82 24.45 -5.70 9.11
CA CYS B 82 25.71 -5.99 8.49
C CYS B 82 26.33 -7.25 9.09
N THR B 83 26.95 -8.04 8.24
CA THR B 83 27.74 -9.20 8.65
C THR B 83 29.21 -8.94 8.38
N SER B 84 30.03 -9.95 8.65
CA SER B 84 31.46 -9.86 8.39
C SER B 84 32.04 -11.27 8.36
N VAL B 85 32.51 -11.69 7.19
CA VAL B 85 33.28 -12.93 7.06
C VAL B 85 34.75 -12.58 7.20
N ARG B 86 35.43 -13.23 8.14
CA ARG B 86 36.78 -12.84 8.55
C ARG B 86 37.77 -13.90 8.12
N ARG B 87 38.35 -13.71 6.94
CA ARG B 87 39.48 -14.52 6.52
C ARG B 87 40.78 -13.88 6.97
N CYS B 88 41.85 -14.66 6.86
CA CYS B 88 43.21 -14.17 7.02
C CYS B 88 44.04 -14.75 5.88
N ARG B 89 45.15 -14.08 5.56
CA ARG B 89 45.89 -14.44 4.36
C ARG B 89 46.45 -15.85 4.47
N TRP B 90 46.56 -16.52 3.32
CA TRP B 90 47.03 -17.90 3.16
C TRP B 90 45.96 -18.88 3.63
N ALA B 91 44.91 -18.36 4.26
CA ALA B 91 43.74 -19.15 4.61
C ALA B 91 42.55 -18.88 3.71
N GLY B 92 42.31 -17.61 3.37
CA GLY B 92 41.47 -17.28 2.24
C GLY B 92 42.25 -17.01 0.97
N ASP B 93 43.57 -16.86 1.08
CA ASP B 93 44.47 -16.62 -0.03
C ASP B 93 44.11 -15.39 -0.84
N CYS B 94 43.62 -14.35 -0.17
CA CYS B 94 43.34 -13.11 -0.84
C CYS B 94 44.64 -12.35 -1.13
N GLN B 95 44.58 -11.49 -2.13
CA GLN B 95 45.79 -10.85 -2.65
C GLN B 95 46.37 -9.87 -1.65
N SER B 96 47.65 -9.55 -1.82
CA SER B 96 48.29 -8.55 -0.98
C SER B 96 47.59 -7.20 -1.11
N GLY B 97 47.26 -6.82 -2.35
CA GLY B 97 46.46 -5.64 -2.58
C GLY B 97 45.00 -5.99 -2.73
N CYS B 98 44.15 -5.35 -1.93
CA CYS B 98 42.72 -5.65 -1.99
C CYS B 98 42.17 -5.31 -3.38
N PRO B 99 41.37 -6.19 -3.98
CA PRO B 99 40.88 -5.94 -5.35
C PRO B 99 40.01 -4.70 -5.39
N PRO B 100 40.38 -3.69 -6.19
CA PRO B 100 39.54 -2.49 -6.29
C PRO B 100 38.14 -2.77 -6.79
N HIS B 101 37.98 -3.77 -7.66
CA HIS B 101 36.67 -4.17 -8.13
C HIS B 101 35.97 -4.98 -7.04
N PHE B 102 34.65 -4.82 -6.95
CA PHE B 102 33.84 -5.60 -6.03
C PHE B 102 32.53 -5.94 -6.71
N THR B 103 32.18 -7.23 -6.71
CA THR B 103 30.89 -7.68 -7.20
C THR B 103 29.91 -7.62 -6.04
N SER B 104 29.13 -6.54 -5.98
CA SER B 104 28.24 -6.28 -4.85
C SER B 104 26.99 -7.16 -4.89
N ASN B 105 26.87 -8.06 -5.87
CA ASN B 105 25.69 -8.89 -6.01
C ASN B 105 25.98 -10.39 -5.88
N SER B 106 27.17 -10.85 -6.24
CA SER B 106 27.44 -12.29 -6.22
C SER B 106 27.97 -12.74 -4.86
N PHE B 107 29.12 -12.21 -4.43
CA PHE B 107 29.74 -12.54 -3.15
C PHE B 107 30.10 -14.03 -3.09
N SER B 108 30.99 -14.41 -4.01
CA SER B 108 31.37 -15.82 -4.17
C SER B 108 32.12 -16.36 -2.95
N ASP B 109 32.59 -15.49 -2.06
CA ASP B 109 33.28 -15.96 -0.86
C ASP B 109 32.34 -16.79 0.01
N ASP B 110 31.09 -16.37 0.11
CA ASP B 110 30.08 -17.07 0.92
C ASP B 110 28.96 -17.54 0.00
N TRP B 111 29.01 -18.84 -0.33
CA TRP B 111 28.00 -19.50 -1.14
C TRP B 111 27.76 -18.84 -2.50
N ALA B 112 28.85 -18.45 -3.16
CA ALA B 112 28.82 -18.01 -4.55
C ALA B 112 27.85 -16.84 -4.70
N GLY B 113 26.95 -16.96 -5.67
CA GLY B 113 25.95 -15.92 -5.84
C GLY B 113 24.48 -16.31 -5.77
N LYS B 114 23.75 -15.60 -4.93
CA LYS B 114 22.31 -15.76 -4.78
C LYS B 114 21.70 -14.42 -4.42
N MET B 115 20.44 -14.45 -4.00
CA MET B 115 19.70 -13.22 -3.71
C MET B 115 20.24 -12.57 -2.44
N ASP B 116 20.55 -11.28 -2.55
CA ASP B 116 21.01 -10.47 -1.43
C ASP B 116 19.81 -9.70 -0.89
N ARG B 117 19.46 -9.94 0.38
CA ARG B 117 18.32 -9.31 1.01
C ARG B 117 18.50 -7.82 1.22
N ALA B 118 19.63 -7.26 0.80
CA ALA B 118 19.83 -5.82 0.75
C ALA B 118 19.71 -5.35 -0.70
N GLY B 119 19.37 -4.08 -0.85
CA GLY B 119 19.27 -3.50 -2.18
C GLY B 119 20.58 -2.87 -2.61
N LEU B 120 21.38 -3.63 -3.36
CA LEU B 120 22.66 -3.15 -3.89
C LEU B 120 23.57 -2.64 -2.78
N GLY B 121 23.88 -3.51 -1.82
CA GLY B 121 24.78 -3.15 -0.75
C GLY B 121 26.22 -3.03 -1.23
N PHE B 122 27.04 -2.35 -0.43
CA PHE B 122 28.42 -2.10 -0.80
C PHE B 122 29.30 -3.25 -0.33
N SER B 123 30.59 -3.16 -0.64
CA SER B 123 31.56 -4.21 -0.33
C SER B 123 32.89 -3.57 0.01
N GLY B 124 33.82 -4.39 0.46
CA GLY B 124 35.17 -3.90 0.72
C GLY B 124 35.99 -4.80 1.62
N CYS B 125 37.30 -4.58 1.62
CA CYS B 125 38.21 -5.27 2.52
C CYS B 125 38.29 -4.49 3.84
N SER B 126 39.27 -4.83 4.68
CA SER B 126 39.44 -4.17 5.96
C SER B 126 40.92 -4.23 6.33
N ASP B 127 41.28 -3.56 7.43
CA ASP B 127 42.64 -3.63 7.91
C ASP B 127 42.92 -5.02 8.48
N GLY B 128 44.19 -5.25 8.87
CA GLY B 128 44.62 -6.60 9.12
C GLY B 128 45.12 -6.93 10.51
N CYS B 129 44.71 -8.09 11.02
CA CYS B 129 45.33 -8.71 12.19
C CYS B 129 46.27 -9.81 11.75
N GLY B 130 47.44 -9.86 12.37
CA GLY B 130 48.41 -10.88 12.03
C GLY B 130 49.25 -11.32 13.21
N GLY B 131 49.31 -12.63 13.46
CA GLY B 131 50.10 -13.18 14.53
C GLY B 131 49.33 -14.26 15.26
N ALA B 132 49.84 -14.63 16.44
CA ALA B 132 49.16 -15.63 17.26
C ALA B 132 47.92 -15.06 17.93
N ALA B 133 47.80 -13.73 17.99
CA ALA B 133 46.63 -13.11 18.60
C ALA B 133 45.36 -13.53 17.87
N CYS B 134 45.41 -13.56 16.53
CA CYS B 134 44.25 -13.98 15.75
C CYS B 134 44.36 -15.43 15.28
N GLY B 135 45.49 -16.08 15.51
CA GLY B 135 45.56 -17.53 15.55
C GLY B 135 46.06 -18.24 14.31
N CYS B 136 45.96 -17.64 13.13
CA CYS B 136 46.37 -18.31 11.91
C CYS B 136 47.81 -18.00 11.52
N PHE B 137 48.64 -17.62 12.50
CA PHE B 137 50.10 -17.68 12.47
C PHE B 137 50.74 -16.98 11.26
N ASN B 138 50.04 -16.05 10.61
CA ASN B 138 50.69 -15.26 9.58
C ASN B 138 50.94 -13.84 10.09
N ALA B 139 52.19 -13.40 9.97
CA ALA B 139 52.52 -12.04 10.37
C ALA B 139 51.94 -11.03 9.39
N ALA B 140 51.70 -11.44 8.14
CA ALA B 140 51.06 -10.56 7.20
C ALA B 140 49.67 -10.17 7.69
N PRO B 141 49.12 -9.07 7.20
CA PRO B 141 47.79 -8.66 7.63
C PRO B 141 46.72 -9.52 6.99
N SER B 142 45.47 -9.21 7.33
CA SER B 142 44.32 -10.04 7.00
C SER B 142 43.26 -9.22 6.29
N CYS B 143 42.58 -9.84 5.34
CA CYS B 143 41.50 -9.17 4.63
C CYS B 143 40.14 -9.66 5.13
N ILE B 144 39.23 -8.72 5.35
CA ILE B 144 37.92 -9.00 5.90
C ILE B 144 36.86 -8.35 5.02
N PHE B 145 35.96 -9.16 4.49
CA PHE B 145 34.85 -8.67 3.67
C PHE B 145 33.65 -8.37 4.57
N TRP B 146 32.97 -7.27 4.27
CA TRP B 146 31.83 -6.83 5.06
C TRP B 146 30.63 -6.58 4.16
N ARG B 147 29.45 -6.72 4.76
CA ARG B 147 28.18 -6.48 4.09
C ARG B 147 27.46 -5.32 4.77
N LYS B 148 26.46 -4.79 4.08
CA LYS B 148 25.51 -3.83 4.64
C LYS B 148 24.14 -4.17 4.11
N TRP B 149 23.19 -4.37 5.02
CA TRP B 149 21.82 -4.69 4.65
C TRP B 149 20.88 -3.55 5.01
N VAL B 150 20.01 -3.20 4.07
CA VAL B 150 18.83 -2.40 4.37
C VAL B 150 17.65 -3.37 4.41
N GLU B 151 16.97 -3.41 5.54
CA GLU B 151 15.95 -4.43 5.77
C GLU B 151 14.69 -3.79 6.35
N ASN B 152 13.56 -4.38 6.00
CA ASN B 152 12.26 -3.90 6.48
C ASN B 152 11.52 -5.10 7.05
N PRO B 153 11.77 -5.46 8.30
CA PRO B 153 11.16 -6.66 8.88
C PRO B 153 9.63 -6.57 8.98
N HIS B 154 9.14 -5.54 9.66
CA HIS B 154 7.70 -5.24 9.74
C HIS B 154 7.54 -3.84 9.19
N GLY B 155 7.36 -3.74 7.88
CA GLY B 155 7.35 -2.44 7.24
C GLY B 155 6.04 -1.71 7.39
N ILE B 156 6.15 -0.38 7.41
CA ILE B 156 5.00 0.51 7.37
C ILE B 156 5.24 1.41 6.17
N ILE B 157 4.30 1.44 5.24
CA ILE B 157 4.55 1.97 3.91
C ILE B 157 3.71 3.20 3.66
N TRP B 158 4.34 4.26 3.17
CA TRP B 158 3.70 5.52 2.86
C TRP B 158 3.79 5.77 1.36
N LYS B 159 2.71 6.30 0.79
CA LYS B 159 2.70 6.72 -0.60
C LYS B 159 2.62 8.24 -0.67
N VAL B 160 3.37 8.82 -1.60
CA VAL B 160 3.57 10.26 -1.65
C VAL B 160 3.44 10.75 -3.08
N SER B 161 3.12 12.03 -3.24
CA SER B 161 3.03 12.67 -4.53
C SER B 161 3.28 14.17 -4.36
N PRO B 162 4.30 14.73 -5.02
CA PRO B 162 4.62 16.16 -4.86
C PRO B 162 3.90 17.07 -5.85
N CYS B 163 2.60 17.30 -5.60
CA CYS B 163 1.87 18.23 -6.44
C CYS B 163 2.37 19.66 -6.23
N ALA B 164 2.70 20.00 -4.98
CA ALA B 164 3.32 21.29 -4.64
C ALA B 164 2.48 22.46 -5.14
N ALA B 165 1.16 22.32 -5.05
CA ALA B 165 0.24 23.36 -5.47
C ALA B 165 -1.09 23.10 -4.78
N TRP B 166 -2.02 24.04 -4.95
CA TRP B 166 -3.34 23.92 -4.36
C TRP B 166 -4.36 24.57 -5.27
N VAL B 167 -5.23 23.75 -5.85
CA VAL B 167 -6.20 24.21 -6.84
C VAL B 167 -7.59 23.77 -6.40
N PRO B 168 -8.59 24.64 -6.49
CA PRO B 168 -9.95 24.26 -6.07
C PRO B 168 -10.48 23.09 -6.87
N SER B 169 -11.26 22.25 -6.20
CA SER B 169 -11.89 21.11 -6.83
C SER B 169 -13.25 20.90 -6.19
N ALA B 170 -14.11 20.17 -6.89
CA ALA B 170 -15.46 19.93 -6.40
C ALA B 170 -15.76 18.46 -6.56
N VAL B 171 -16.91 18.04 -6.02
CA VAL B 171 -17.39 16.67 -6.11
C VAL B 171 -18.51 16.65 -7.13
N ILE B 172 -18.39 15.78 -8.12
CA ILE B 172 -19.27 15.81 -9.28
C ILE B 172 -19.90 14.44 -9.47
N GLU B 173 -21.22 14.43 -9.67
CA GLU B 173 -21.95 13.24 -10.07
C GLU B 173 -22.46 13.41 -11.49
N LEU B 174 -22.25 12.38 -12.30
CA LEU B 174 -22.66 12.34 -13.69
C LEU B 174 -23.81 11.37 -13.85
N THR B 175 -24.74 11.70 -14.74
CA THR B 175 -25.94 10.89 -14.99
C THR B 175 -26.16 10.81 -16.49
N MET B 176 -25.70 9.74 -17.11
CA MET B 176 -25.86 9.60 -18.54
C MET B 176 -27.35 9.52 -18.90
N PRO B 177 -27.79 10.14 -19.99
CA PRO B 177 -29.22 10.17 -20.30
C PRO B 177 -29.82 8.79 -20.50
N SER B 178 -29.02 7.79 -20.87
CA SER B 178 -29.54 6.42 -20.91
C SER B 178 -30.04 5.99 -19.54
N GLY B 179 -29.42 6.52 -18.48
CA GLY B 179 -29.81 6.21 -17.13
C GLY B 179 -28.59 5.89 -16.29
N GLU B 180 -27.48 5.63 -16.96
CA GLU B 180 -26.24 5.31 -16.27
C GLU B 180 -25.70 6.56 -15.58
N VAL B 181 -25.03 6.34 -14.45
CA VAL B 181 -24.46 7.42 -13.65
C VAL B 181 -22.99 7.10 -13.40
N ARG B 182 -22.15 8.12 -13.41
CA ARG B 182 -20.73 7.94 -13.12
C ARG B 182 -20.26 9.02 -12.15
N THR B 183 -19.54 8.61 -11.11
CA THR B 183 -18.96 9.53 -10.16
C THR B 183 -17.47 9.68 -10.43
N PHE B 184 -16.96 10.89 -10.22
CA PHE B 184 -15.55 11.18 -10.45
C PHE B 184 -15.24 12.52 -9.80
N HIS B 185 -13.95 12.70 -9.49
CA HIS B 185 -13.46 13.92 -8.86
C HIS B 185 -12.66 14.69 -9.90
N PRO B 186 -13.25 15.63 -10.62
CA PRO B 186 -12.49 16.37 -11.62
C PRO B 186 -11.83 17.60 -11.02
N MET B 187 -10.60 17.85 -11.46
CA MET B 187 -9.87 19.04 -11.02
C MET B 187 -10.29 20.23 -11.87
N SER B 188 -11.51 20.70 -11.58
CA SER B 188 -12.13 21.73 -12.40
C SER B 188 -11.43 23.09 -12.29
N GLY B 189 -10.52 23.25 -11.34
CA GLY B 189 -9.69 24.44 -11.34
C GLY B 189 -8.79 24.51 -12.56
N ILE B 190 -8.33 23.37 -13.05
CA ILE B 190 -7.46 23.31 -14.21
C ILE B 190 -8.26 22.81 -15.40
N PRO B 191 -7.82 23.04 -16.64
CA PRO B 191 -8.54 22.47 -17.79
C PRO B 191 -8.35 20.97 -17.92
N THR B 192 -8.62 20.22 -16.86
CA THR B 192 -8.45 18.77 -16.92
C THR B 192 -9.57 18.15 -17.75
N GLN B 193 -9.25 17.02 -18.37
CA GLN B 193 -10.20 16.31 -19.23
C GLN B 193 -10.36 14.89 -18.70
N VAL B 194 -11.30 14.69 -17.79
CA VAL B 194 -11.61 13.35 -17.33
C VAL B 194 -12.38 12.62 -18.43
N PHE B 195 -11.90 11.45 -18.81
CA PHE B 195 -12.46 10.70 -19.92
C PHE B 195 -13.39 9.62 -19.38
N LYS B 196 -14.64 9.66 -19.82
CA LYS B 196 -15.62 8.65 -19.41
C LYS B 196 -16.74 8.57 -20.44
N GLY B 197 -17.02 7.37 -20.93
CA GLY B 197 -18.08 7.17 -21.90
C GLY B 197 -17.86 7.95 -23.18
N VAL B 198 -18.68 8.98 -23.38
CA VAL B 198 -18.63 9.77 -24.60
C VAL B 198 -18.26 11.20 -24.29
N SER B 199 -18.68 11.70 -23.13
CA SER B 199 -18.54 13.10 -22.79
C SER B 199 -17.36 13.32 -21.86
N VAL B 200 -16.83 14.54 -21.89
CA VAL B 200 -15.71 14.94 -21.06
C VAL B 200 -16.00 16.32 -20.50
N THR B 201 -15.77 16.51 -19.21
CA THR B 201 -15.88 17.83 -18.61
C THR B 201 -14.51 18.43 -18.39
N TYR B 202 -14.49 19.71 -18.06
CA TYR B 202 -13.25 20.47 -17.97
C TYR B 202 -13.47 21.62 -16.98
N LEU B 203 -12.60 22.63 -17.05
CA LEU B 203 -12.44 23.63 -16.00
C LEU B 203 -13.74 24.33 -15.60
N GLY B 204 -13.75 24.90 -14.40
CA GLY B 204 -14.83 25.75 -13.96
C GLY B 204 -14.31 27.11 -13.55
N SER B 205 -15.06 27.84 -12.73
CA SER B 205 -14.64 29.16 -12.28
C SER B 205 -13.88 29.05 -10.97
N ASP B 206 -12.62 29.52 -10.97
CA ASP B 206 -11.83 29.56 -9.75
C ASP B 206 -12.14 30.88 -9.03
N MET B 207 -13.36 30.94 -8.49
CA MET B 207 -13.84 32.17 -7.89
C MET B 207 -13.00 32.61 -6.69
N GLU B 208 -12.31 31.68 -6.03
CA GLU B 208 -11.31 32.05 -5.04
C GLU B 208 -10.08 31.16 -5.21
N VAL B 209 -8.91 31.73 -4.92
CA VAL B 209 -7.66 30.98 -4.87
C VAL B 209 -6.89 31.40 -3.64
N SER B 210 -6.02 30.50 -3.17
CA SER B 210 -5.20 30.76 -2.00
C SER B 210 -3.87 30.04 -2.14
N GLY B 211 -2.90 30.48 -1.34
CA GLY B 211 -1.57 29.91 -1.41
C GLY B 211 -1.15 29.16 -0.15
N LEU B 212 -0.24 28.22 -0.32
CA LEU B 212 0.33 27.48 0.81
C LEU B 212 1.75 27.09 0.43
N THR B 213 2.56 26.81 1.44
CA THR B 213 3.97 26.52 1.22
C THR B 213 4.12 25.16 0.53
N ASP B 214 5.37 24.76 0.33
CA ASP B 214 5.68 23.50 -0.36
C ASP B 214 5.29 22.35 0.56
N LEU B 215 4.06 21.88 0.40
CA LEU B 215 3.54 20.79 1.21
C LEU B 215 2.84 19.79 0.31
N CYS B 216 3.02 18.52 0.65
CA CYS B 216 2.41 17.38 -0.05
C CYS B 216 1.84 16.46 1.01
N GLU B 217 1.00 15.52 0.60
CA GLU B 217 0.39 14.61 1.56
C GLU B 217 1.25 13.38 1.79
N ILE B 218 1.18 12.86 3.02
CA ILE B 218 1.84 11.62 3.40
C ILE B 218 0.78 10.67 3.94
N GLU B 219 0.55 9.59 3.22
CA GLU B 219 -0.49 8.64 3.59
C GLU B 219 0.12 7.27 3.81
N GLU B 220 -0.41 6.55 4.78
CA GLU B 220 0.07 5.23 5.15
C GLU B 220 -0.85 4.16 4.58
N LEU B 221 -0.26 3.01 4.20
CA LEU B 221 -1.02 1.98 3.50
C LEU B 221 -2.10 1.36 4.37
N LYS B 222 -1.74 0.93 5.59
CA LYS B 222 -2.71 0.40 6.53
C LYS B 222 -3.69 1.47 7.00
N SER B 223 -3.45 2.73 6.65
CA SER B 223 -4.32 3.86 6.97
C SER B 223 -4.41 4.07 8.46
N LYS B 224 -3.26 4.23 9.11
CA LYS B 224 -3.25 4.65 10.50
C LYS B 224 -3.94 6.01 10.60
N LYS B 225 -3.35 7.01 9.97
CA LYS B 225 -3.91 8.36 9.88
C LYS B 225 -3.43 9.00 8.58
N LEU B 226 -3.65 10.30 8.45
CA LEU B 226 -3.23 11.07 7.29
C LEU B 226 -2.22 12.11 7.73
N ALA B 227 -1.09 12.17 7.03
CA ALA B 227 0.04 12.96 7.48
C ALA B 227 0.44 13.99 6.42
N LEU B 228 1.03 15.08 6.90
CA LEU B 228 1.53 16.15 6.06
C LEU B 228 2.92 16.55 6.54
N ALA B 229 3.73 17.04 5.61
CA ALA B 229 5.12 17.39 5.90
C ALA B 229 5.58 18.40 4.86
N PRO B 230 6.77 18.97 5.01
CA PRO B 230 7.37 19.69 3.88
C PRO B 230 7.43 18.82 2.64
N CYS B 231 7.38 17.52 2.88
CA CYS B 231 7.30 16.50 1.83
C CYS B 231 8.15 16.68 0.59
N ASN B 232 9.45 16.82 0.78
CA ASN B 232 10.38 16.92 -0.34
C ASN B 232 10.39 15.60 -1.10
N GLN B 233 10.43 15.70 -2.43
CA GLN B 233 10.37 14.49 -3.25
C GLN B 233 10.95 14.79 -4.62
N ALA B 234 11.67 13.80 -5.17
CA ALA B 234 12.21 13.87 -6.51
C ALA B 234 12.49 12.44 -6.96
N GLY B 235 13.05 12.30 -8.18
CA GLY B 235 13.45 10.99 -8.65
C GLY B 235 14.60 10.39 -7.89
N MET B 236 15.33 11.20 -7.13
CA MET B 236 16.42 10.75 -6.29
C MET B 236 16.31 11.43 -4.93
N GLY B 237 16.91 10.82 -3.92
CA GLY B 237 16.85 11.36 -2.57
C GLY B 237 17.85 12.44 -2.29
N VAL B 238 17.39 13.69 -2.28
CA VAL B 238 18.24 14.81 -1.89
C VAL B 238 18.48 14.79 -0.38
N VAL B 239 19.55 15.44 0.05
CA VAL B 239 19.93 15.41 1.45
C VAL B 239 18.92 16.21 2.28
N GLY B 240 18.64 15.70 3.49
CA GLY B 240 17.76 16.38 4.40
C GLY B 240 16.29 16.32 4.07
N LYS B 241 15.90 15.54 3.07
CA LYS B 241 14.51 15.47 2.66
C LYS B 241 13.76 14.44 3.50
N VAL B 242 12.44 14.43 3.34
CA VAL B 242 11.60 13.51 4.11
C VAL B 242 11.80 12.07 3.63
N GLY B 243 11.89 11.87 2.32
CA GLY B 243 11.90 10.53 1.77
C GLY B 243 13.20 10.13 1.10
N GLU B 244 13.89 9.15 1.68
CA GLU B 244 15.17 8.71 1.16
C GLU B 244 15.01 7.61 0.11
N ILE B 245 14.26 6.56 0.43
CA ILE B 245 14.02 5.45 -0.49
C ILE B 245 12.62 5.59 -1.07
N GLN B 246 12.54 5.73 -2.39
CA GLN B 246 11.29 5.97 -3.10
C GLN B 246 11.09 4.82 -4.08
N CYS B 247 10.14 3.93 -3.78
CA CYS B 247 10.08 2.64 -4.47
C CYS B 247 8.71 2.48 -5.10
N SER B 248 8.69 2.13 -6.38
CA SER B 248 7.49 2.21 -7.20
C SER B 248 6.83 0.84 -7.37
N SER B 249 6.77 0.09 -6.29
CA SER B 249 6.10 -1.21 -6.31
C SER B 249 5.61 -1.50 -4.91
N GLU B 250 4.30 -1.40 -4.69
CA GLU B 250 3.75 -1.75 -3.39
C GLU B 250 4.00 -3.21 -3.05
N GLU B 251 3.81 -4.10 -4.04
CA GLU B 251 4.12 -5.50 -3.84
C GLU B 251 5.58 -5.73 -3.50
N SER B 252 6.47 -4.83 -3.91
CA SER B 252 7.87 -4.86 -3.52
C SER B 252 8.23 -3.77 -2.54
N ALA B 253 7.23 -3.06 -2.00
CA ALA B 253 7.48 -2.05 -0.97
C ALA B 253 7.64 -2.65 0.41
N ARG B 254 7.24 -3.90 0.62
CA ARG B 254 7.45 -4.54 1.91
C ARG B 254 8.92 -4.89 2.09
N THR B 255 9.46 -5.73 1.22
CA THR B 255 10.88 -6.00 1.17
C THR B 255 11.54 -5.00 0.22
N ILE B 256 12.78 -5.27 -0.17
CA ILE B 256 13.48 -4.45 -1.15
C ILE B 256 14.05 -5.42 -2.19
N LYS B 257 13.30 -5.61 -3.28
CA LYS B 257 13.73 -6.48 -4.35
C LYS B 257 13.68 -5.75 -5.69
N LYS B 258 12.77 -4.77 -5.79
CA LYS B 258 12.58 -4.06 -7.03
C LYS B 258 13.71 -3.08 -7.25
N ASP B 259 14.17 -2.98 -8.50
CA ASP B 259 15.29 -2.10 -8.82
C ASP B 259 14.88 -0.65 -9.00
N GLY B 260 13.57 -0.38 -9.08
CA GLY B 260 13.12 0.99 -9.28
C GLY B 260 13.56 1.94 -8.18
N CYS B 261 13.43 1.51 -6.93
CA CYS B 261 13.96 2.25 -5.80
C CYS B 261 15.45 2.08 -5.63
N ILE B 262 16.11 3.21 -5.39
CA ILE B 262 17.55 3.33 -5.42
C ILE B 262 18.02 3.73 -4.04
N TRP B 263 19.10 3.11 -3.59
CA TRP B 263 19.70 3.42 -2.31
C TRP B 263 20.39 4.79 -2.34
N ASN B 264 20.77 5.29 -1.17
CA ASN B 264 21.60 6.48 -1.05
C ASN B 264 23.02 6.04 -0.73
N ALA B 265 23.99 6.71 -1.35
CA ALA B 265 25.38 6.31 -1.22
C ALA B 265 25.82 6.39 0.25
N ASP B 266 26.59 5.38 0.67
CA ASP B 266 27.12 5.25 2.03
C ASP B 266 26.10 5.60 3.09
N LEU B 267 24.84 5.23 2.87
CA LEU B 267 23.79 5.57 3.82
C LEU B 267 23.88 4.71 5.08
N VAL B 268 24.21 3.43 4.92
CA VAL B 268 24.34 2.51 6.05
C VAL B 268 25.64 2.79 6.78
N GLY B 269 25.54 2.93 8.10
CA GLY B 269 26.70 3.22 8.93
C GLY B 269 27.52 2.00 9.25
N ILE B 270 28.35 1.56 8.31
CA ILE B 270 29.28 0.47 8.54
C ILE B 270 30.55 1.04 9.16
N GLU B 271 31.03 0.39 10.22
CA GLU B 271 32.30 0.74 10.83
C GLU B 271 33.02 -0.54 11.22
N LEU B 272 34.35 -0.48 11.23
CA LEU B 272 35.18 -1.66 11.39
C LEU B 272 35.78 -1.72 12.80
N ARG B 273 36.44 -2.83 13.07
CA ARG B 273 37.07 -3.08 14.37
C ARG B 273 38.31 -3.92 14.14
N VAL B 274 38.82 -4.53 15.22
CA VAL B 274 40.00 -5.39 15.11
C VAL B 274 39.65 -6.78 14.61
N ASP B 275 38.41 -7.23 14.79
CA ASP B 275 38.00 -8.58 14.39
C ASP B 275 36.93 -8.54 13.30
N ASP B 276 35.85 -7.78 13.51
CA ASP B 276 34.72 -7.81 12.60
C ASP B 276 34.00 -6.48 12.64
N ALA B 277 33.19 -6.25 11.62
CA ALA B 277 32.47 -4.98 11.48
C ALA B 277 31.17 -5.00 12.26
N VAL B 278 30.69 -3.81 12.61
CA VAL B 278 29.44 -3.65 13.33
C VAL B 278 28.59 -2.60 12.61
N CYS B 279 27.29 -2.63 12.88
CA CYS B 279 26.32 -1.83 12.15
C CYS B 279 25.92 -0.61 12.96
N TYR B 280 25.78 0.52 12.28
CA TYR B 280 25.05 1.67 12.80
C TYR B 280 24.38 2.36 11.62
N SER B 281 23.70 3.47 11.89
CA SER B 281 23.05 4.21 10.82
C SER B 281 22.86 5.66 11.25
N LYS B 282 22.55 6.50 10.26
CA LYS B 282 22.19 7.88 10.49
C LYS B 282 20.85 8.24 9.85
N ILE B 283 20.01 7.25 9.55
CA ILE B 283 18.74 7.51 8.87
C ILE B 283 17.76 8.15 9.84
N THR B 284 16.75 8.82 9.27
CA THR B 284 15.75 9.56 10.03
C THR B 284 14.36 9.03 9.70
N SER B 285 13.52 8.93 10.72
CA SER B 285 12.14 8.53 10.53
C SER B 285 11.33 9.64 9.86
N VAL B 286 10.15 9.28 9.38
CA VAL B 286 9.28 10.28 8.76
C VAL B 286 8.79 11.29 9.79
N GLU B 287 8.63 10.86 11.03
CA GLU B 287 8.07 11.72 12.08
C GLU B 287 9.18 12.28 12.94
N ALA B 288 8.89 13.44 13.56
CA ALA B 288 9.82 14.13 14.44
C ALA B 288 11.11 14.53 13.74
N VAL B 289 11.08 14.63 12.42
CA VAL B 289 12.25 14.99 11.62
C VAL B 289 11.96 16.21 10.75
N ALA B 290 10.99 16.10 9.84
CA ALA B 290 10.59 17.21 8.99
C ALA B 290 9.07 17.22 8.97
N ASN B 291 8.47 17.90 9.95
CA ASN B 291 7.03 17.89 10.16
C ASN B 291 6.59 19.27 10.64
N TYR B 292 5.66 19.88 9.92
CA TYR B 292 5.12 21.18 10.31
C TYR B 292 3.64 21.14 10.66
N SER B 293 2.96 19.99 10.48
CA SER B 293 1.52 19.94 10.68
C SER B 293 1.10 18.51 10.97
N ALA B 294 -0.10 18.36 11.52
CA ALA B 294 -0.64 17.05 11.85
C ALA B 294 -2.15 17.02 11.67
N ILE B 295 -2.62 16.29 10.67
CA ILE B 295 -4.05 16.18 10.40
C ILE B 295 -4.75 15.48 11.55
N PRO B 296 -5.95 15.97 11.91
CA PRO B 296 -6.76 15.40 13.00
C PRO B 296 -6.94 13.90 12.84
N ASP B 320 -18.55 27.52 -12.63
CA ASP B 320 -18.99 27.47 -14.02
C ASP B 320 -18.47 26.22 -14.71
N ILE B 321 -18.79 25.06 -14.14
CA ILE B 321 -18.35 23.79 -14.70
C ILE B 321 -18.98 23.56 -16.07
N THR B 322 -18.20 23.03 -17.01
CA THR B 322 -18.69 22.77 -18.36
C THR B 322 -18.18 21.42 -18.87
N ALA B 323 -18.80 20.93 -19.94
CA ALA B 323 -18.41 19.66 -20.53
C ALA B 323 -18.41 19.78 -22.05
N ILE B 324 -17.54 19.02 -22.68
CA ILE B 324 -17.44 18.96 -24.13
C ILE B 324 -18.13 17.70 -24.61
N ARG B 325 -18.73 17.77 -25.79
CA ARG B 325 -19.60 16.73 -26.31
C ARG B 325 -18.87 15.86 -27.33
N GLY B 326 -19.07 14.54 -27.23
CA GLY B 326 -18.57 13.60 -28.20
C GLY B 326 -19.67 12.97 -29.03
N SER B 327 -19.38 11.79 -29.58
CA SER B 327 -20.33 11.05 -30.40
C SER B 327 -21.28 10.26 -29.51
N PHE B 328 -22.47 10.80 -29.29
CA PHE B 328 -23.36 10.25 -28.27
C PHE B 328 -24.03 8.96 -28.74
N SER B 329 -24.94 8.49 -27.90
CA SER B 329 -25.86 7.40 -28.21
C SER B 329 -27.29 7.84 -27.89
N VAL B 330 -27.67 9.03 -28.37
CA VAL B 330 -28.96 9.61 -28.02
C VAL B 330 -30.09 8.69 -28.45
N ASN B 331 -31.06 8.51 -27.55
CA ASN B 331 -32.21 7.66 -27.84
C ASN B 331 -33.43 8.52 -28.19
N TYR B 332 -34.50 7.87 -28.62
CA TYR B 332 -35.72 8.57 -28.99
C TYR B 332 -36.96 7.76 -28.62
N ALA B 344 -48.08 9.67 -25.10
CA ALA B 344 -49.03 10.53 -25.80
C ALA B 344 -49.76 11.44 -24.83
N THR B 345 -50.87 10.97 -24.28
CA THR B 345 -51.67 11.75 -23.33
C THR B 345 -50.88 12.01 -22.06
N CYS B 346 -51.04 13.21 -21.51
CA CYS B 346 -50.35 13.59 -20.28
C CYS B 346 -51.05 14.77 -19.61
N THR B 347 -51.19 14.70 -18.30
CA THR B 347 -51.83 15.77 -17.54
C THR B 347 -50.94 16.18 -16.37
N GLY B 348 -50.98 17.47 -16.05
CA GLY B 348 -50.13 18.02 -15.00
C GLY B 348 -50.67 17.81 -13.60
N GLU B 349 -51.86 18.36 -13.33
CA GLU B 349 -52.60 18.09 -12.10
C GLU B 349 -51.73 18.33 -10.86
N VAL B 350 -51.44 19.61 -10.66
CA VAL B 350 -50.68 20.10 -9.50
C VAL B 350 -51.35 19.67 -8.22
N THR B 351 -50.60 19.64 -7.11
CA THR B 351 -51.18 19.26 -5.83
C THR B 351 -51.01 20.32 -4.74
N ASN B 352 -49.86 20.98 -4.66
CA ASN B 352 -49.61 21.92 -3.57
C ASN B 352 -48.45 22.84 -3.93
N VAL B 353 -48.20 23.80 -3.05
CA VAL B 353 -47.12 24.77 -3.20
C VAL B 353 -46.50 25.01 -1.84
N SER B 354 -45.17 25.11 -1.80
CA SER B 354 -44.45 25.45 -0.58
C SER B 354 -44.06 26.92 -0.60
N GLY B 355 -43.30 27.34 0.41
CA GLY B 355 -42.97 28.74 0.58
C GLY B 355 -41.49 29.11 0.51
N CYS B 356 -41.13 29.83 -0.56
CA CYS B 356 -39.86 30.52 -0.68
C CYS B 356 -39.95 31.65 -1.67
N TYR B 357 -39.31 32.77 -1.32
CA TYR B 357 -38.78 33.74 -2.27
C TYR B 357 -37.55 34.36 -1.61
N SER B 358 -36.53 34.61 -2.41
CA SER B 358 -35.24 35.14 -1.93
C SER B 358 -34.52 34.19 -0.96
N CYS B 359 -34.75 32.89 -1.08
CA CYS B 359 -33.94 31.90 -0.38
C CYS B 359 -33.16 31.09 -1.42
N MET B 360 -31.88 30.83 -1.11
CA MET B 360 -30.99 30.18 -2.05
C MET B 360 -31.42 28.77 -2.43
N THR B 361 -32.57 28.29 -1.93
CA THR B 361 -33.07 26.98 -2.28
C THR B 361 -34.32 27.01 -3.16
N GLY B 362 -35.29 27.86 -2.84
CA GLY B 362 -36.52 27.94 -3.59
C GLY B 362 -37.61 27.06 -3.01
N ALA B 363 -38.84 27.39 -3.37
CA ALA B 363 -40.00 26.67 -2.84
C ALA B 363 -40.20 25.37 -3.62
N LYS B 364 -40.30 24.28 -2.86
CA LYS B 364 -40.45 22.95 -3.43
C LYS B 364 -41.93 22.69 -3.70
N VAL B 365 -42.31 22.68 -4.97
CA VAL B 365 -43.71 22.56 -5.37
C VAL B 365 -43.89 21.24 -6.11
N SER B 366 -44.90 20.49 -5.69
CA SER B 366 -45.15 19.15 -6.20
C SER B 366 -46.30 19.17 -7.19
N ILE B 367 -46.18 18.34 -8.23
CA ILE B 367 -47.20 18.18 -9.26
C ILE B 367 -47.37 16.69 -9.52
N LYS B 368 -48.61 16.21 -9.45
CA LYS B 368 -48.93 14.79 -9.55
C LYS B 368 -49.38 14.49 -10.97
N LEU B 369 -48.53 13.79 -11.73
CA LEU B 369 -48.78 13.55 -13.14
C LEU B 369 -48.93 12.07 -13.42
N HIS B 370 -49.70 11.77 -14.46
CA HIS B 370 -49.79 10.43 -15.01
C HIS B 370 -49.55 10.53 -16.51
N SER B 371 -48.81 9.57 -17.03
CA SER B 371 -48.49 9.54 -18.45
C SER B 371 -48.63 8.11 -18.94
N SER B 372 -49.04 7.97 -20.20
CA SER B 372 -49.05 6.65 -20.82
C SER B 372 -47.65 6.21 -21.24
N LYS B 373 -46.69 7.12 -21.28
CA LYS B 373 -45.33 6.80 -21.68
C LYS B 373 -44.36 7.42 -20.69
N ASN B 374 -43.18 6.81 -20.60
CA ASN B 374 -42.07 7.38 -19.83
C ASN B 374 -41.56 8.58 -20.61
N SER B 375 -41.91 9.78 -20.17
CA SER B 375 -41.67 10.97 -20.96
C SER B 375 -41.06 12.06 -20.09
N THR B 376 -40.80 13.21 -20.72
CA THR B 376 -40.17 14.34 -20.08
C THR B 376 -41.15 15.50 -20.04
N ALA B 377 -40.89 16.43 -19.13
CA ALA B 377 -41.60 17.70 -19.11
C ALA B 377 -40.66 18.81 -19.60
N HIS B 378 -41.24 19.93 -20.02
CA HIS B 378 -40.46 21.03 -20.58
C HIS B 378 -40.90 22.35 -19.93
N VAL B 379 -40.49 23.46 -20.56
CA VAL B 379 -40.52 24.76 -19.92
C VAL B 379 -41.95 25.28 -19.81
N ARG B 380 -42.18 26.11 -18.79
CA ARG B 380 -43.38 26.91 -18.69
C ARG B 380 -43.04 28.36 -19.05
N CYS B 381 -43.73 28.91 -20.06
CA CYS B 381 -43.28 30.21 -20.57
C CYS B 381 -43.57 31.31 -19.56
N LYS B 382 -44.77 31.29 -18.96
CA LYS B 382 -45.14 32.25 -17.94
C LYS B 382 -44.69 31.82 -16.55
N GLY B 383 -44.07 30.64 -16.42
CA GLY B 383 -43.38 30.32 -15.18
C GLY B 383 -42.35 31.37 -14.83
N ASP B 384 -41.67 31.91 -15.84
CA ASP B 384 -40.89 33.14 -15.75
C ASP B 384 -39.67 33.04 -14.86
N GLU B 385 -39.34 31.84 -14.36
CA GLU B 385 -38.19 31.64 -13.49
C GLU B 385 -37.11 30.80 -14.15
N THR B 386 -37.46 29.59 -14.59
CA THR B 386 -36.50 28.65 -15.13
C THR B 386 -37.21 27.55 -15.90
N ALA B 387 -36.42 26.58 -16.35
CA ALA B 387 -36.93 25.49 -17.17
C ALA B 387 -37.25 24.28 -16.31
N PHE B 388 -37.80 23.25 -16.95
CA PHE B 388 -38.15 22.01 -16.25
C PHE B 388 -37.56 20.83 -16.98
N SER B 389 -37.18 19.81 -16.21
CA SER B 389 -36.66 18.57 -16.76
C SER B 389 -37.30 17.38 -16.07
N VAL B 390 -38.61 17.44 -15.87
CA VAL B 390 -39.32 16.44 -15.09
C VAL B 390 -39.47 15.16 -15.90
N LEU B 391 -39.28 14.03 -15.22
CA LEU B 391 -39.48 12.72 -15.79
C LEU B 391 -40.67 12.07 -15.12
N GLU B 392 -41.47 11.36 -15.90
CA GLU B 392 -42.62 10.63 -15.38
C GLU B 392 -42.60 9.21 -15.90
N GLY B 393 -42.99 8.28 -15.03
CA GLY B 393 -43.22 6.91 -15.43
C GLY B 393 -44.65 6.75 -15.92
N VAL B 394 -44.96 5.52 -16.33
CA VAL B 394 -46.31 5.23 -16.84
C VAL B 394 -47.15 4.84 -15.63
N HIS B 395 -47.54 5.86 -14.87
CA HIS B 395 -48.42 5.75 -13.70
C HIS B 395 -48.60 7.18 -13.19
N SER B 396 -49.50 7.38 -12.24
CA SER B 396 -49.77 8.71 -11.72
C SER B 396 -48.75 9.02 -10.62
N TYR B 397 -47.62 9.60 -11.02
CA TYR B 397 -46.60 9.97 -10.04
C TYR B 397 -46.67 11.45 -9.73
N THR B 398 -45.93 11.88 -8.72
CA THR B 398 -45.78 13.28 -8.41
C THR B 398 -44.30 13.59 -8.34
N VAL B 399 -43.90 14.73 -8.90
CA VAL B 399 -42.52 15.20 -8.83
C VAL B 399 -42.55 16.62 -8.29
N SER B 400 -41.76 16.87 -7.27
CA SER B 400 -41.73 18.18 -6.64
C SER B 400 -40.41 18.86 -6.95
N LEU B 401 -40.49 20.15 -7.31
CA LEU B 401 -39.33 20.90 -7.77
C LEU B 401 -39.29 22.24 -7.08
N SER B 402 -38.10 22.83 -7.01
CA SER B 402 -37.84 24.02 -6.22
C SER B 402 -37.74 25.24 -7.11
N PHE B 403 -38.57 26.24 -6.82
CA PHE B 403 -38.54 27.53 -7.52
C PHE B 403 -38.94 28.61 -6.54
N ASP B 404 -38.81 29.86 -6.98
CA ASP B 404 -39.20 31.00 -6.15
C ASP B 404 -39.88 32.06 -7.01
N HIS B 405 -40.87 32.73 -6.45
CA HIS B 405 -41.57 33.80 -7.11
C HIS B 405 -42.33 34.61 -6.07
N ALA B 406 -42.40 35.93 -6.28
CA ALA B 406 -43.10 36.81 -5.35
C ALA B 406 -44.59 36.48 -5.33
N VAL B 407 -45.18 36.27 -6.49
CA VAL B 407 -46.60 35.96 -6.62
C VAL B 407 -46.73 34.74 -7.54
N VAL B 408 -47.83 34.00 -7.39
CA VAL B 408 -48.00 32.73 -8.10
C VAL B 408 -48.69 32.97 -9.44
N ASP B 409 -48.01 32.58 -10.53
CA ASP B 409 -48.56 32.72 -11.87
C ASP B 409 -48.78 31.38 -12.57
N GLU B 410 -47.71 30.59 -12.75
CA GLU B 410 -47.76 29.17 -13.13
C GLU B 410 -48.77 28.90 -14.25
N GLN B 411 -48.45 29.45 -15.42
CA GLN B 411 -49.32 29.28 -16.58
C GLN B 411 -48.45 29.04 -17.80
N CYS B 412 -49.02 28.39 -18.81
CA CYS B 412 -48.33 28.16 -20.08
C CYS B 412 -47.10 27.26 -19.91
N GLN B 413 -47.39 26.01 -19.57
CA GLN B 413 -46.37 24.97 -19.50
C GLN B 413 -46.54 24.02 -20.67
N LEU B 414 -45.51 23.92 -21.51
CA LEU B 414 -45.45 22.91 -22.57
C LEU B 414 -44.81 21.64 -22.04
N ASN B 415 -45.51 21.00 -21.12
CA ASN B 415 -44.96 19.88 -20.38
C ASN B 415 -44.66 18.68 -21.27
N CYS B 416 -45.71 18.05 -21.80
CA CYS B 416 -45.61 16.67 -22.27
C CYS B 416 -46.75 16.36 -23.23
N GLY B 417 -46.40 15.86 -24.41
CA GLY B 417 -47.39 15.43 -25.39
C GLY B 417 -48.09 16.61 -26.04
N GLY B 418 -48.92 17.28 -25.25
CA GLY B 418 -49.56 18.49 -25.69
C GLY B 418 -49.45 19.55 -24.61
N HIS B 419 -49.61 20.80 -25.03
CA HIS B 419 -49.61 21.91 -24.09
C HIS B 419 -50.77 21.79 -23.12
N GLU B 420 -50.53 22.22 -21.88
CA GLU B 420 -51.58 22.34 -20.88
C GLU B 420 -51.39 23.62 -20.09
N SER B 421 -52.48 24.14 -19.57
CA SER B 421 -52.49 25.42 -18.84
C SER B 421 -53.25 25.26 -17.53
N GLN B 422 -52.55 24.83 -16.49
CA GLN B 422 -53.05 24.78 -15.13
C GLN B 422 -52.36 25.82 -14.27
N VAL B 423 -53.15 26.51 -13.44
CA VAL B 423 -52.68 27.62 -12.61
C VAL B 423 -53.11 27.38 -11.18
N THR B 424 -52.24 27.72 -10.23
CA THR B 424 -52.53 27.59 -8.82
C THR B 424 -52.71 28.97 -8.20
N LEU B 425 -52.96 28.97 -6.89
CA LEU B 425 -53.09 30.20 -6.11
C LEU B 425 -52.63 29.92 -4.70
N LYS B 426 -51.59 30.62 -4.26
CA LYS B 426 -51.04 30.41 -2.92
C LYS B 426 -50.12 31.58 -2.58
N GLY B 427 -50.06 31.92 -1.30
CA GLY B 427 -49.22 33.00 -0.83
C GLY B 427 -47.80 32.56 -0.55
N ASN B 428 -46.83 33.18 -1.23
CA ASN B 428 -45.43 32.80 -1.07
C ASN B 428 -44.89 33.23 0.29
N LEU B 429 -43.87 32.51 0.73
CA LEU B 429 -43.16 32.85 1.97
C LEU B 429 -41.81 33.47 1.62
N ILE B 430 -41.58 34.70 2.09
CA ILE B 430 -40.38 35.44 1.79
C ILE B 430 -39.75 35.87 3.11
N PHE B 431 -38.45 36.15 3.08
CA PHE B 431 -37.75 36.58 4.28
C PHE B 431 -38.25 37.97 4.68
N LEU B 432 -39.07 38.01 5.72
CA LEU B 432 -39.65 39.27 6.20
C LEU B 432 -39.50 39.38 7.71
N ASP B 433 -40.18 40.36 8.30
CA ASP B 433 -40.16 40.57 9.74
C ASP B 433 -41.01 39.49 10.41
N VAL B 434 -41.22 39.63 11.72
CA VAL B 434 -41.94 38.63 12.51
C VAL B 434 -43.41 39.06 12.58
N PRO B 435 -44.34 38.32 11.97
CA PRO B 435 -45.77 38.63 12.12
C PRO B 435 -46.41 38.00 13.34
N LYS B 436 -45.64 37.28 14.17
CA LYS B 436 -46.23 36.52 15.26
C LYS B 436 -46.80 37.44 16.33
N PHE B 437 -46.02 38.43 16.76
CA PHE B 437 -46.43 39.30 17.86
C PHE B 437 -46.73 40.73 17.42
N VAL B 438 -46.26 41.16 16.25
CA VAL B 438 -46.46 42.52 15.75
C VAL B 438 -45.96 43.57 16.74
N ASP B 439 -44.81 43.30 17.38
CA ASP B 439 -44.25 44.25 18.33
C ASP B 439 -43.74 45.51 17.63
N GLY B 440 -43.29 45.38 16.37
CA GLY B 440 -42.79 46.54 15.65
C GLY B 440 -43.89 47.56 15.36
N SER B 441 -45.16 47.13 15.38
CA SER B 441 -46.25 48.08 15.16
C SER B 441 -46.31 49.12 16.27
N TYR B 442 -46.10 48.71 17.52
CA TYR B 442 -46.11 49.66 18.63
C TYR B 442 -44.96 50.66 18.49
N MET B 443 -43.78 50.19 18.09
CA MET B 443 -42.64 51.09 17.91
C MET B 443 -42.86 52.03 16.73
N GLN B 444 -43.57 51.57 15.69
CA GLN B 444 -43.83 52.42 14.54
C GLN B 444 -44.70 53.62 14.92
N THR B 445 -45.71 53.40 15.76
CA THR B 445 -46.58 54.49 16.17
C THR B 445 -45.84 55.50 17.04
N TYR B 446 -44.93 55.04 17.89
CA TYR B 446 -44.19 55.95 18.77
C TYR B 446 -43.15 56.76 18.00
N HIS B 447 -42.68 56.25 16.86
CA HIS B 447 -41.68 56.98 16.08
C HIS B 447 -42.23 58.31 15.57
N SER B 448 -43.47 58.30 15.07
CA SER B 448 -44.10 59.51 14.54
C SER B 448 -44.76 60.27 15.69
N THR B 449 -43.92 61.02 16.40
CA THR B 449 -44.37 61.82 17.54
C THR B 449 -43.83 63.24 17.40
N VAL B 450 -44.73 64.22 17.57
CA VAL B 450 -44.37 65.64 17.53
C VAL B 450 -43.66 66.01 16.23
N PRO B 451 -44.17 65.47 15.11
CA PRO B 451 -43.58 65.78 13.82
C PRO B 451 -43.80 67.24 13.45
N THR B 452 -45.03 67.74 13.60
CA THR B 452 -45.32 69.13 13.31
C THR B 452 -44.86 70.07 14.42
N GLY B 453 -44.69 69.58 15.64
CA GLY B 453 -44.26 70.42 16.74
C GLY B 453 -42.86 70.98 16.52
N ALA B 454 -41.94 70.13 16.02
CA ALA B 454 -40.58 70.60 15.75
C ALA B 454 -40.57 71.66 14.67
N ASN B 455 -41.36 71.47 13.61
CA ASN B 455 -41.42 72.46 12.53
C ASN B 455 -42.04 73.76 13.02
N ILE B 456 -43.07 73.68 13.86
CA ILE B 456 -43.72 74.89 14.37
C ILE B 456 -42.75 75.72 15.20
N PRO B 457 -41.96 75.07 16.06
CA PRO B 457 -40.98 75.80 16.85
C PRO B 457 -39.83 76.31 15.99
N SER B 458 -39.44 75.54 14.97
CA SER B 458 -38.35 75.97 14.09
C SER B 458 -38.78 77.14 13.22
N PRO B 459 -40.06 77.17 12.81
CA PRO B 459 -40.54 78.25 11.95
C PRO B 459 -40.45 79.59 12.66
N THR B 460 -40.82 79.64 13.93
CA THR B 460 -40.71 80.88 14.70
C THR B 460 -39.26 81.29 14.85
N ASP B 461 -38.37 80.33 15.12
CA ASP B 461 -36.96 80.64 15.28
C ASP B 461 -36.29 80.92 13.93
N TRP B 462 -36.89 80.45 12.83
CA TRP B 462 -36.31 80.67 11.52
C TRP B 462 -36.27 82.15 11.17
N LEU B 463 -37.33 82.88 11.49
CA LEU B 463 -37.36 84.31 11.20
C LEU B 463 -36.29 85.07 11.96
N ASN B 464 -36.09 84.74 13.23
CA ASN B 464 -35.06 85.41 14.03
C ASN B 464 -33.66 85.01 13.58
N ALA B 465 -33.47 83.73 13.26
CA ALA B 465 -32.14 83.26 12.86
C ALA B 465 -31.75 83.79 11.48
N LEU B 466 -32.68 83.81 10.53
CA LEU B 466 -32.36 84.28 9.20
C LEU B 466 -32.00 85.76 9.20
C1 NAG C . 29.06 -50.68 3.81
C2 NAG C . 29.68 -49.55 4.62
C3 NAG C . 31.08 -49.95 5.10
C4 NAG C . 31.03 -51.28 5.83
C5 NAG C . 30.36 -52.33 4.95
C6 NAG C . 30.18 -53.67 5.64
C7 NAG C . 28.66 -47.52 3.68
C8 NAG C . 28.90 -46.29 2.87
N2 NAG C . 29.73 -48.31 3.87
O3 NAG C . 31.59 -48.93 5.95
O4 NAG C . 32.33 -51.71 6.19
O5 NAG C . 29.04 -51.89 4.58
O6 NAG C . 28.82 -54.05 5.69
O7 NAG C . 27.57 -47.79 4.16
C1 NAG C . 32.43 -51.62 7.63
C2 NAG C . 33.31 -52.76 8.15
C3 NAG C . 33.45 -52.66 9.66
C4 NAG C . 33.93 -51.27 10.07
C5 NAG C . 33.02 -50.20 9.46
C6 NAG C . 33.51 -48.80 9.72
C7 NAG C . 33.55 -55.08 7.38
C8 NAG C . 32.83 -56.34 7.02
N2 NAG C . 32.78 -54.05 7.75
O3 NAG C . 34.35 -53.66 10.11
O4 NAG C . 33.89 -51.13 11.48
O5 NAG C . 32.97 -50.36 8.03
O6 NAG C . 33.07 -48.33 11.00
O7 NAG C . 34.77 -54.99 7.34
C1 MAN C . 35.15 -51.48 12.11
C2 MAN C . 34.95 -51.33 13.65
C3 MAN C . 34.93 -49.86 14.03
C4 MAN C . 36.19 -49.15 13.53
C5 MAN C . 36.25 -49.27 12.00
C6 MAN C . 37.52 -48.64 11.44
O2 MAN C . 36.04 -51.91 14.36
O3 MAN C . 34.80 -49.68 15.44
O4 MAN C . 36.16 -47.79 13.89
O5 MAN C . 36.24 -50.67 11.61
O6 MAN C . 37.65 -49.03 10.06
#